data_6VFF
#
_entry.id   6VFF
#
_cell.length_a   170.000
_cell.length_b   63.210
_cell.length_c   142.200
_cell.angle_alpha   90.000
_cell.angle_beta   118.133
_cell.angle_gamma   90.000
#
_symmetry.space_group_name_H-M   'C 1 2 1'
#
loop_
_entity.id
_entity.type
_entity.pdbx_description
1 polymer 'Double-stranded RNA-specific editase 1'
2 polymer 'RNA (5-R(*GP*CP*UP*CP*GP*CP*GP*AP*UP*GP*CP*UP*(8AZ)P*GP*AP*GP*GP*GP*CP* UP*CP*UP*GP*AP*UP*AP*GP*CP*UP*AP*CP*G)-3)'
3 polymer RNA(5-R(*CP*GP*UP*AP*GP*CP*UP*AP*UP*CP*AP*GP*AP*GP*CP*CP*CP*CP*CP*CP*AP*GP*CP*AP*UP*CP*GP*CP*GP*AP*GP*C)-3)
4 non-polymer 'INOSITOL HEXAKISPHOSPHATE'
5 non-polymer 'ZINC ION'
6 water water
#
loop_
_entity_poly.entity_id
_entity_poly.type
_entity_poly.pdbx_seq_one_letter_code
_entity_poly.pdbx_strand_id
1 'polypeptide(L)'
;GASLAQPPLPVLPPFPPPSGKNPVMILNELRPGLKYDFLSESGESHAKSFVMSVVVDGQFFEGSGRNKKLAKARAAQSAL
AAIFNLHLDQTPSRQPIPSEGLQLHLPQVLADAVSRLVLGKFGDLTDNFSSPHARRKVLAGVVMTTGTDVKDAKVISVST
GTKCINGEYMSDRGLALNDCHAEIISRRSLLRFLYTQLELYLNNKDDQKRSIFQKSERGGFRLKENVQFHLYISTSPCGD
ARIFSPHEPILEEPADRHPNRKARGQLRTKIESGQGTIPVRSNASIQTWDGVLQGERLLTMSCSDKIARWNVVGIQGSLL
SIFVEPIYFSSIILGSLYHGDHLSRAMYQRISNIEDLPPLYTLNKPLLSGISNAEARQPGKAPNFSVNWTVGDSAIEVIN
ATTGKDELGRASRLCKHALYCRWMRVHGKVPSHLLRSKITKPNVYHESKLAAKEYQAAKARLFTAFIKAGLGAWVEKPTE
QDQFSLTP
;
A,B
2 'polyribonucleotide' GCUCGCGAUGCU(8AZ)GAGGGCUCUGAUAGCUACG C
3 'polyribonucleotide' CGUAGCUAUCAGAGCCCCCCAGCAUCGCGAGC D
#
# COMPACT_ATOMS: atom_id res chain seq x y z
N LEU A 106 35.86 -19.57 27.32
CA LEU A 106 34.87 -19.13 28.29
C LEU A 106 33.82 -18.21 27.65
N PRO A 107 32.58 -18.21 28.17
CA PRO A 107 31.53 -17.44 27.49
C PRO A 107 31.69 -15.93 27.61
N GLN A 108 32.06 -15.42 28.79
CA GLN A 108 32.14 -13.97 28.91
C GLN A 108 33.32 -13.39 28.14
N VAL A 109 34.38 -14.18 27.95
CA VAL A 109 35.48 -13.68 27.13
C VAL A 109 35.08 -13.70 25.66
N LEU A 110 34.33 -14.73 25.25
CA LEU A 110 33.83 -14.75 23.88
C LEU A 110 32.99 -13.53 23.59
N ALA A 111 32.12 -13.15 24.54
CA ALA A 111 31.27 -11.98 24.34
C ALA A 111 32.09 -10.72 24.12
N ASP A 112 33.00 -10.44 25.05
CA ASP A 112 33.80 -9.23 24.95
C ASP A 112 34.68 -9.28 23.73
N ALA A 113 35.08 -10.47 23.31
CA ALA A 113 35.85 -10.61 22.09
C ALA A 113 35.06 -10.06 20.91
N VAL A 114 33.87 -10.63 20.65
CA VAL A 114 33.13 -10.23 19.46
C VAL A 114 32.65 -8.79 19.59
N SER A 115 32.39 -8.34 20.82
CA SER A 115 32.13 -6.93 21.03
C SER A 115 33.26 -6.07 20.48
N ARG A 116 34.50 -6.41 20.83
CA ARG A 116 35.61 -5.58 20.41
C ARG A 116 35.86 -5.74 18.91
N LEU A 117 35.80 -6.98 18.41
CA LEU A 117 36.00 -7.22 16.99
C LEU A 117 35.09 -6.35 16.14
N VAL A 118 33.79 -6.32 16.47
CA VAL A 118 32.84 -5.61 15.64
C VAL A 118 33.12 -4.12 15.67
N LEU A 119 33.44 -3.59 16.85
CA LEU A 119 33.77 -2.17 16.95
C LEU A 119 34.99 -1.82 16.10
N GLY A 120 36.10 -2.52 16.34
CA GLY A 120 37.30 -2.26 15.57
C GLY A 120 37.07 -2.31 14.08
N LYS A 121 36.35 -3.33 13.61
CA LYS A 121 36.06 -3.39 12.18
C LYS A 121 35.25 -2.16 11.76
N PHE A 122 34.29 -1.74 12.59
CA PHE A 122 33.52 -0.54 12.24
C PHE A 122 34.44 0.66 12.08
N GLY A 123 35.42 0.81 12.98
CA GLY A 123 36.31 1.96 12.92
C GLY A 123 37.16 1.97 11.66
N ASP A 124 37.76 0.84 11.31
CA ASP A 124 38.59 0.77 10.10
C ASP A 124 37.85 1.31 8.89
N LEU A 125 36.52 1.20 8.88
CA LEU A 125 35.72 1.59 7.72
C LEU A 125 35.23 3.01 7.79
N THR A 126 35.43 3.68 8.92
CA THR A 126 34.97 5.04 9.13
C THR A 126 36.15 5.96 9.47
N ASP A 127 37.35 5.57 9.04
CA ASP A 127 38.64 6.06 9.54
C ASP A 127 38.56 6.51 11.00
N ASN A 128 38.77 5.55 11.90
CA ASN A 128 38.72 5.75 13.35
C ASN A 128 37.52 6.62 13.76
N PHE A 129 36.34 6.19 13.34
CA PHE A 129 35.05 6.78 13.73
C PHE A 129 34.96 8.26 13.41
N SER A 130 35.85 8.75 12.54
CA SER A 130 35.84 10.15 12.16
C SER A 130 34.80 10.45 11.09
N SER A 131 34.62 9.51 10.13
CA SER A 131 33.79 9.69 8.95
C SER A 131 32.43 10.28 9.30
N PRO A 132 31.84 11.08 8.41
CA PRO A 132 30.46 11.52 8.63
C PRO A 132 29.50 10.35 8.87
N HIS A 133 29.78 9.19 8.29
CA HIS A 133 28.92 8.02 8.39
C HIS A 133 29.34 7.09 9.53
N ALA A 134 30.09 7.60 10.51
CA ALA A 134 30.29 6.92 11.78
C ALA A 134 29.17 7.24 12.76
N ARG A 135 28.41 8.29 12.47
CA ARG A 135 27.29 8.65 13.34
C ARG A 135 26.30 7.51 13.35
N ARG A 136 26.00 7.01 14.54
CA ARG A 136 25.05 5.93 14.66
C ARG A 136 24.29 6.04 15.97
N LYS A 137 23.17 5.34 16.01
CA LYS A 137 22.52 5.02 17.27
C LYS A 137 22.72 3.57 17.66
N VAL A 138 22.80 2.67 16.69
CA VAL A 138 22.88 1.24 16.93
C VAL A 138 23.90 0.63 15.99
N LEU A 139 24.74 -0.23 16.54
CA LEU A 139 25.69 -1.00 15.76
C LEU A 139 25.33 -2.48 15.88
N ALA A 140 25.59 -3.23 14.82
CA ALA A 140 25.38 -4.66 14.84
C ALA A 140 26.47 -5.31 13.99
N GLY A 141 26.63 -6.63 14.13
CA GLY A 141 27.52 -7.33 13.24
C GLY A 141 27.54 -8.82 13.51
N VAL A 142 27.95 -9.59 12.46
CA VAL A 142 28.22 -11.02 12.58
C VAL A 142 29.73 -11.24 12.60
N VAL A 143 30.15 -12.26 13.35
CA VAL A 143 31.54 -12.67 13.47
C VAL A 143 31.61 -14.20 13.36
N MET A 144 32.59 -14.70 12.65
CA MET A 144 32.75 -16.13 12.42
C MET A 144 33.94 -16.64 13.21
N THR A 145 33.77 -17.81 13.84
CA THR A 145 34.85 -18.49 14.52
C THR A 145 35.08 -19.85 13.85
N THR A 146 36.35 -20.28 13.84
CA THR A 146 36.72 -21.57 13.27
C THR A 146 37.47 -22.42 14.28
N GLY A 147 37.55 -21.97 15.52
CA GLY A 147 38.29 -22.65 16.57
C GLY A 147 38.29 -21.79 17.81
N THR A 148 38.72 -22.37 18.93
CA THR A 148 38.62 -21.66 20.19
C THR A 148 39.67 -20.55 20.35
N ASP A 149 40.60 -20.42 19.42
CA ASP A 149 41.59 -19.35 19.51
C ASP A 149 41.01 -18.04 18.99
N VAL A 150 41.29 -16.96 19.71
CA VAL A 150 40.84 -15.63 19.29
C VAL A 150 41.42 -15.27 17.92
N LYS A 151 42.59 -15.81 17.58
CA LYS A 151 43.18 -15.58 16.26
C LYS A 151 42.36 -16.24 15.15
N ASP A 152 41.43 -17.12 15.52
CA ASP A 152 40.56 -17.84 14.59
C ASP A 152 39.20 -17.18 14.41
N ALA A 153 39.01 -15.96 14.91
CA ALA A 153 37.72 -15.26 14.84
C ALA A 153 37.80 -14.15 13.80
N LYS A 154 36.78 -14.05 12.95
CA LYS A 154 36.74 -13.09 11.86
C LYS A 154 35.40 -12.38 11.82
N VAL A 155 35.43 -11.06 11.62
CA VAL A 155 34.21 -10.26 11.46
C VAL A 155 33.65 -10.46 10.07
N ILE A 156 32.41 -10.94 9.99
CA ILE A 156 31.78 -11.20 8.69
C ILE A 156 31.07 -9.96 8.15
N SER A 157 30.44 -9.17 9.02
CA SER A 157 29.69 -8.00 8.57
C SER A 157 29.50 -7.05 9.73
N VAL A 158 29.14 -5.81 9.39
CA VAL A 158 28.88 -4.74 10.35
C VAL A 158 27.80 -3.84 9.77
N SER A 159 27.03 -3.20 10.66
CA SER A 159 25.88 -2.42 10.22
C SER A 159 25.43 -1.43 11.30
N THR A 160 24.71 -0.40 10.87
CA THR A 160 24.04 0.53 11.76
C THR A 160 22.66 0.81 11.19
N GLY A 161 21.78 1.31 12.05
CA GLY A 161 20.50 1.84 11.62
C GLY A 161 19.43 1.52 12.64
N THR A 162 18.37 2.35 12.64
CA THR A 162 17.26 2.16 13.58
C THR A 162 15.90 2.39 12.95
N LYS A 163 15.79 2.50 11.62
CA LYS A 163 14.52 2.86 11.01
C LYS A 163 14.16 1.89 9.89
N CYS A 164 12.93 2.07 9.38
CA CYS A 164 12.31 1.22 8.39
C CYS A 164 11.71 2.09 7.29
N ILE A 165 11.52 1.46 6.13
CA ILE A 165 11.11 2.16 4.94
C ILE A 165 9.81 2.91 5.16
N ASN A 166 9.67 4.03 4.47
CA ASN A 166 8.40 4.74 4.43
C ASN A 166 7.42 3.98 3.54
N GLY A 167 6.14 4.02 3.90
CA GLY A 167 5.15 3.19 3.22
C GLY A 167 5.14 3.37 1.71
N GLU A 168 5.30 4.59 1.22
CA GLU A 168 5.05 4.83 -0.20
C GLU A 168 6.26 4.53 -1.08
N TYR A 169 7.37 4.14 -0.49
CA TYR A 169 8.59 3.81 -1.22
C TYR A 169 8.81 2.32 -1.37
N MET A 170 7.85 1.49 -1.00
CA MET A 170 7.97 0.09 -1.33
C MET A 170 8.27 -0.03 -2.82
N SER A 171 9.11 -1.00 -3.16
CA SER A 171 9.50 -1.27 -4.54
C SER A 171 8.81 -2.55 -4.99
N ASP A 172 7.94 -2.45 -5.99
CA ASP A 172 7.31 -3.66 -6.54
C ASP A 172 8.25 -4.47 -7.42
N ARG A 173 9.53 -4.12 -7.49
CA ARG A 173 10.52 -4.94 -8.17
C ARG A 173 11.75 -5.13 -7.30
N GLY A 174 11.56 -5.18 -5.99
CA GLY A 174 12.58 -5.65 -5.07
C GLY A 174 13.79 -4.75 -4.91
N LEU A 175 13.66 -3.46 -5.22
CA LEU A 175 14.81 -2.58 -5.26
C LEU A 175 15.05 -1.81 -3.96
N ALA A 176 14.14 -1.88 -2.96
CA ALA A 176 14.31 -1.13 -1.71
C ALA A 176 14.43 -2.04 -0.49
N LEU A 177 15.25 -1.58 0.47
CA LEU A 177 15.39 -2.21 1.78
C LEU A 177 14.23 -1.82 2.70
N ASN A 178 13.48 -2.82 3.17
CA ASN A 178 12.30 -2.53 3.96
C ASN A 178 12.63 -2.20 5.41
N ASP A 179 13.71 -2.72 5.94
CA ASP A 179 13.90 -2.66 7.38
C ASP A 179 15.39 -2.53 7.65
N CYS A 180 15.81 -1.34 8.08
CA CYS A 180 17.21 -1.04 8.33
C CYS A 180 17.53 -0.97 9.82
N HIS A 181 16.85 -1.73 10.65
CA HIS A 181 17.38 -1.92 11.97
C HIS A 181 18.69 -2.68 11.84
N ALA A 182 19.70 -2.23 12.60
CA ALA A 182 21.08 -2.68 12.36
C ALA A 182 21.18 -4.21 12.22
N GLU A 183 20.58 -4.95 13.13
CA GLU A 183 20.78 -6.39 13.16
C GLU A 183 20.03 -7.09 12.03
N ILE A 184 18.92 -6.51 11.57
CA ILE A 184 18.34 -7.01 10.33
C ILE A 184 19.32 -6.84 9.18
N ILE A 185 19.98 -5.68 9.12
CA ILE A 185 20.92 -5.43 8.03
C ILE A 185 22.09 -6.38 8.11
N SER A 186 22.59 -6.65 9.32
CA SER A 186 23.76 -7.52 9.45
C SER A 186 23.47 -8.95 9.02
N ARG A 187 22.22 -9.41 9.13
CA ARG A 187 21.93 -10.73 8.59
C ARG A 187 21.97 -10.70 7.07
N ARG A 188 21.38 -9.66 6.46
CA ARG A 188 21.41 -9.57 5.00
C ARG A 188 22.84 -9.55 4.49
N SER A 189 23.77 -8.92 5.21
CA SER A 189 25.15 -8.96 4.75
C SER A 189 25.79 -10.32 4.99
N LEU A 190 25.39 -11.05 6.03
CA LEU A 190 25.85 -12.44 6.15
C LEU A 190 25.41 -13.26 4.96
N LEU A 191 24.21 -12.99 4.44
CA LEU A 191 23.70 -13.74 3.30
C LEU A 191 24.59 -13.56 2.07
N ARG A 192 25.09 -12.32 1.85
CA ARG A 192 26.00 -12.08 0.74
C ARG A 192 27.25 -12.93 0.90
N PHE A 193 27.78 -12.96 2.11
CA PHE A 193 28.95 -13.78 2.37
C PHE A 193 28.66 -15.27 2.17
N LEU A 194 27.42 -15.70 2.37
CA LEU A 194 27.08 -17.10 2.12
C LEU A 194 27.12 -17.40 0.63
N TYR A 195 26.51 -16.53 -0.17
CA TYR A 195 26.57 -16.66 -1.63
C TYR A 195 28.00 -16.60 -2.14
N THR A 196 28.88 -15.84 -1.48
CA THR A 196 30.25 -15.76 -1.97
C THR A 196 31.00 -17.07 -1.71
N GLN A 197 31.00 -17.52 -0.44
CA GLN A 197 31.58 -18.82 -0.10
C GLN A 197 30.99 -19.97 -0.90
N LEU A 198 29.87 -19.75 -1.57
CA LEU A 198 29.31 -20.79 -2.44
C LEU A 198 29.99 -20.76 -3.80
N GLU A 199 29.98 -19.60 -4.47
CA GLU A 199 30.73 -19.43 -5.71
C GLU A 199 32.21 -19.71 -5.51
N LEU A 200 32.70 -19.59 -4.27
CA LEU A 200 34.10 -19.95 -4.00
C LEU A 200 34.31 -21.44 -4.19
N TYR A 201 33.49 -22.25 -3.51
CA TYR A 201 33.63 -23.70 -3.61
C TYR A 201 33.48 -24.18 -5.05
N LEU A 202 32.75 -23.44 -5.87
CA LEU A 202 32.38 -23.88 -7.20
C LEU A 202 33.34 -23.43 -8.29
N ASN A 203 34.52 -22.93 -7.94
CA ASN A 203 35.47 -22.51 -8.98
C ASN A 203 36.25 -23.70 -9.54
N ASN A 204 36.82 -24.53 -8.66
CA ASN A 204 37.67 -25.68 -8.99
C ASN A 204 38.03 -26.34 -7.67
N LYS A 205 38.63 -27.52 -7.75
CA LYS A 205 38.92 -28.24 -6.52
C LYS A 205 39.99 -27.54 -5.68
N ASP A 206 40.82 -26.67 -6.30
CA ASP A 206 41.83 -25.93 -5.53
C ASP A 206 41.16 -24.93 -4.58
N ASP A 207 40.30 -24.07 -5.11
CA ASP A 207 39.61 -23.06 -4.31
C ASP A 207 38.68 -23.68 -3.27
N GLN A 208 38.01 -24.80 -3.62
CA GLN A 208 36.89 -25.28 -2.82
C GLN A 208 37.32 -25.74 -1.42
N LYS A 209 38.61 -25.97 -1.21
CA LYS A 209 39.09 -26.29 0.14
C LYS A 209 39.00 -25.09 1.07
N ARG A 210 39.08 -23.86 0.55
CA ARG A 210 39.06 -22.65 1.36
C ARG A 210 37.65 -22.12 1.61
N SER A 211 36.63 -22.73 1.00
CA SER A 211 35.24 -22.39 1.29
C SER A 211 34.86 -22.88 2.67
N ILE A 212 33.83 -22.25 3.26
CA ILE A 212 33.35 -22.74 4.55
C ILE A 212 32.39 -23.91 4.42
N PHE A 213 31.88 -24.15 3.21
CA PHE A 213 30.96 -25.25 2.98
C PHE A 213 31.72 -26.48 2.48
N GLN A 214 31.19 -27.64 2.83
CA GLN A 214 31.53 -28.89 2.19
C GLN A 214 30.27 -29.41 1.53
N LYS A 215 30.42 -30.50 0.77
CA LYS A 215 29.24 -31.25 0.34
C LYS A 215 28.66 -31.98 1.55
N SER A 216 27.34 -32.06 1.61
CA SER A 216 26.67 -32.69 2.72
C SER A 216 26.27 -34.11 2.35
N GLU A 217 26.43 -35.01 3.32
CA GLU A 217 25.98 -36.40 3.18
C GLU A 217 24.46 -36.54 3.27
N ARG A 218 23.70 -35.49 2.87
CA ARG A 218 22.24 -35.56 2.87
C ARG A 218 21.67 -34.93 1.61
N GLY A 219 22.51 -34.57 0.64
CA GLY A 219 22.11 -33.66 -0.41
C GLY A 219 22.64 -32.27 -0.11
N GLY A 220 22.91 -31.51 -1.18
CA GLY A 220 23.44 -30.17 -1.11
C GLY A 220 24.66 -30.03 -0.22
N PHE A 221 24.81 -28.83 0.31
CA PHE A 221 25.96 -28.40 1.10
C PHE A 221 25.59 -28.19 2.55
N ARG A 222 26.61 -28.29 3.41
CA ARG A 222 26.51 -27.93 4.82
C ARG A 222 27.82 -27.27 5.23
N LEU A 223 27.82 -26.58 6.37
CA LEU A 223 29.07 -26.02 6.86
C LEU A 223 30.03 -27.14 7.24
N LYS A 224 31.32 -26.84 7.14
CA LYS A 224 32.31 -27.71 7.74
C LYS A 224 32.19 -27.62 9.26
N GLU A 225 32.76 -28.60 9.96
CA GLU A 225 32.61 -28.63 11.40
C GLU A 225 33.32 -27.45 12.05
N ASN A 226 32.80 -27.04 13.21
CA ASN A 226 33.44 -26.03 14.06
C ASN A 226 33.58 -24.67 13.36
N VAL A 227 32.64 -24.32 12.48
CA VAL A 227 32.46 -22.95 12.01
C VAL A 227 31.14 -22.43 12.58
N GLN A 228 31.21 -21.38 13.40
CA GLN A 228 30.03 -20.85 14.06
C GLN A 228 29.92 -19.37 13.78
N PHE A 229 28.68 -18.89 13.68
CA PHE A 229 28.42 -17.47 13.52
C PHE A 229 27.84 -16.89 14.81
N HIS A 230 28.17 -15.63 15.11
CA HIS A 230 27.79 -14.99 16.35
C HIS A 230 27.27 -13.60 16.04
N LEU A 231 26.14 -13.25 16.64
CA LEU A 231 25.49 -11.96 16.40
C LEU A 231 25.80 -11.01 17.53
N TYR A 232 26.23 -9.80 17.18
CA TYR A 232 26.46 -8.72 18.14
C TYR A 232 25.47 -7.60 17.85
N ILE A 233 24.67 -7.23 18.85
CA ILE A 233 23.90 -6.00 18.79
C ILE A 233 24.35 -5.11 19.93
N SER A 234 24.40 -3.80 19.67
CA SER A 234 24.91 -2.85 20.65
C SER A 234 23.82 -2.40 21.60
N THR A 235 22.63 -2.99 21.51
CA THR A 235 21.44 -2.68 22.30
C THR A 235 20.45 -3.83 22.09
N SER A 236 19.46 -3.92 22.98
CA SER A 236 18.54 -5.06 22.93
C SER A 236 17.60 -4.95 21.73
N PRO A 237 17.29 -6.06 21.06
CA PRO A 237 16.43 -5.99 19.87
C PRO A 237 15.01 -5.61 20.25
N CYS A 238 14.42 -4.74 19.43
CA CYS A 238 13.10 -4.20 19.72
C CYS A 238 12.05 -5.29 19.89
N GLY A 239 10.92 -4.92 20.50
CA GLY A 239 9.92 -5.89 20.89
C GLY A 239 10.28 -6.67 22.14
N ASP A 240 9.98 -7.97 22.12
CA ASP A 240 9.82 -8.70 23.37
C ASP A 240 11.04 -8.69 24.29
N ALA A 241 12.22 -8.37 23.78
CA ALA A 241 13.41 -8.47 24.61
C ALA A 241 13.86 -7.12 25.16
N ARG A 242 13.33 -6.04 24.62
CA ARG A 242 13.68 -4.68 25.01
C ARG A 242 12.51 -3.92 25.61
N ILE A 243 11.28 -4.18 25.14
CA ILE A 243 10.15 -3.28 25.41
C ILE A 243 9.94 -3.04 26.90
N PHE A 244 9.93 -4.11 27.70
CA PHE A 244 9.57 -3.98 29.11
C PHE A 244 10.66 -3.38 29.99
N SER A 245 11.88 -3.19 29.49
CA SER A 245 12.97 -2.61 30.29
C SER A 245 13.98 -1.95 29.36
N PRO A 246 13.56 -0.92 28.61
CA PRO A 246 14.45 -0.33 27.62
C PRO A 246 15.61 0.46 28.22
N HIS A 247 16.25 -0.10 29.25
CA HIS A 247 17.15 0.69 30.07
C HIS A 247 18.26 -0.20 30.62
N GLU A 248 19.37 0.45 31.00
CA GLU A 248 20.53 -0.29 31.49
C GLU A 248 20.17 -1.02 32.78
N PRO A 249 20.42 -2.33 32.86
CA PRO A 249 19.87 -3.11 33.97
C PRO A 249 20.30 -2.56 35.31
N ILE A 250 19.49 -2.81 36.31
CA ILE A 250 19.69 -2.25 37.63
C ILE A 250 20.42 -3.28 38.48
N LEU A 251 21.52 -2.83 39.10
CA LEU A 251 22.29 -3.69 40.01
C LEU A 251 21.37 -4.42 40.99
N GLU A 252 20.46 -3.69 41.63
CA GLU A 252 19.42 -4.26 42.48
C GLU A 252 18.24 -4.69 41.61
N GLU A 253 18.13 -6.00 41.40
CA GLU A 253 17.40 -6.66 40.31
C GLU A 253 15.94 -6.24 40.09
N PRO A 254 15.02 -6.61 41.01
CA PRO A 254 13.62 -6.88 40.63
C PRO A 254 13.40 -7.34 39.20
N ALA A 255 13.84 -8.57 38.90
CA ALA A 255 13.60 -9.14 37.58
C ALA A 255 12.10 -9.31 37.33
N ASP A 256 11.66 -8.79 36.20
CA ASP A 256 10.24 -8.66 35.87
C ASP A 256 9.38 -8.24 37.05
N ARG A 257 8.95 -9.21 37.86
CA ARG A 257 7.90 -9.11 38.89
C ARG A 257 6.59 -9.61 38.32
N HIS A 258 6.43 -9.52 37.00
CA HIS A 258 5.19 -9.91 36.33
C HIS A 258 5.51 -10.72 35.08
N PRO A 259 6.08 -11.91 35.25
CA PRO A 259 6.37 -12.78 34.11
C PRO A 259 5.15 -13.39 33.46
N ASN A 260 3.96 -13.32 34.07
CA ASN A 260 2.80 -14.01 33.54
C ASN A 260 1.76 -13.06 32.96
N ARG A 261 2.11 -11.79 32.71
CA ARG A 261 1.18 -10.90 32.01
C ARG A 261 1.02 -11.35 30.56
N LYS A 262 -0.19 -11.16 30.00
CA LYS A 262 -0.43 -11.57 28.63
C LYS A 262 0.54 -10.89 27.68
N ALA A 263 1.01 -9.69 28.03
CA ALA A 263 1.88 -8.98 27.12
C ALA A 263 3.27 -9.58 27.03
N ARG A 264 3.61 -10.55 27.88
CA ARG A 264 4.94 -11.15 27.84
C ARG A 264 4.99 -12.18 26.71
N GLY A 265 6.06 -12.14 25.92
CA GLY A 265 6.22 -13.04 24.79
C GLY A 265 5.58 -12.59 23.48
N GLN A 266 4.51 -11.81 23.56
CA GLN A 266 3.67 -11.47 22.42
C GLN A 266 4.48 -10.93 21.22
N LEU A 267 4.16 -11.44 20.02
CA LEU A 267 4.63 -10.84 18.78
C LEU A 267 4.26 -9.37 18.72
N ARG A 268 5.14 -8.58 18.09
CA ARG A 268 4.98 -7.13 18.05
C ARG A 268 5.60 -6.57 16.77
N THR A 269 5.07 -5.43 16.33
CA THR A 269 5.54 -4.79 15.12
C THR A 269 5.99 -3.37 15.41
N LYS A 270 7.13 -2.98 14.85
CA LYS A 270 7.38 -1.58 14.50
C LYS A 270 6.21 -1.08 13.68
N ILE A 271 5.84 0.18 13.87
CA ILE A 271 4.65 0.71 13.19
C ILE A 271 5.04 2.02 12.52
N GLU A 272 4.67 2.16 11.25
CA GLU A 272 5.07 3.34 10.49
C GLU A 272 4.75 4.60 11.26
N SER A 273 5.69 5.54 11.22
CA SER A 273 5.57 6.88 11.77
C SER A 273 4.86 6.93 13.13
N GLY A 274 5.10 5.92 13.97
CA GLY A 274 4.60 5.92 15.33
C GLY A 274 5.54 5.15 16.24
N GLN A 275 5.58 5.56 17.50
CA GLN A 275 6.44 4.90 18.48
C GLN A 275 5.88 3.57 18.95
N GLY A 276 6.72 2.86 19.70
CA GLY A 276 6.41 1.56 20.24
C GLY A 276 6.60 0.44 19.24
N THR A 277 6.66 -0.79 19.77
CA THR A 277 6.44 -2.02 19.02
C THR A 277 5.12 -2.60 19.47
N ILE A 278 4.16 -2.65 18.57
CA ILE A 278 2.75 -2.85 18.90
C ILE A 278 2.41 -4.33 18.76
N PRO A 279 1.76 -4.94 19.75
CA PRO A 279 1.35 -6.34 19.62
C PRO A 279 0.42 -6.52 18.43
N VAL A 280 0.37 -7.75 17.95
CA VAL A 280 -0.50 -8.08 16.81
C VAL A 280 -1.94 -8.15 17.29
N ARG A 281 -2.82 -7.35 16.69
CA ARG A 281 -4.22 -7.34 17.10
C ARG A 281 -4.95 -8.50 16.42
N SER A 282 -5.87 -9.13 17.16
CA SER A 282 -6.63 -10.24 16.62
C SER A 282 -7.81 -9.78 15.75
N ASN A 283 -8.18 -8.50 15.84
CA ASN A 283 -9.10 -7.89 14.89
C ASN A 283 -8.35 -7.56 13.60
N ALA A 284 -7.47 -6.54 13.64
CA ALA A 284 -6.79 -6.05 12.44
C ALA A 284 -5.88 -7.11 11.82
N SER A 285 -6.00 -7.30 10.51
CA SER A 285 -5.21 -8.36 9.89
C SER A 285 -5.10 -8.14 8.39
N ILE A 286 -3.98 -8.63 7.86
CA ILE A 286 -3.57 -8.68 6.45
C ILE A 286 -3.24 -7.28 5.94
N GLN A 287 -2.00 -7.11 5.50
CA GLN A 287 -1.54 -5.87 4.90
C GLN A 287 -1.71 -5.98 3.41
N THR A 288 -1.97 -4.85 2.76
CA THR A 288 -2.20 -4.86 1.32
C THR A 288 -1.40 -3.74 0.66
N TRP A 289 -0.86 -4.03 -0.51
CA TRP A 289 -0.12 -3.01 -1.26
C TRP A 289 -0.98 -1.77 -1.45
N ASP A 290 -2.07 -1.95 -2.17
CA ASP A 290 -3.28 -1.15 -2.14
C ASP A 290 -3.43 -0.24 -0.93
N GLY A 291 -3.38 -0.83 0.26
CA GLY A 291 -3.70 -0.13 1.48
C GLY A 291 -2.62 0.80 1.97
N VAL A 292 -1.36 0.37 2.00
CA VAL A 292 -0.38 1.24 2.64
C VAL A 292 -0.10 2.47 1.78
N LEU A 293 -0.13 2.32 0.45
CA LEU A 293 -0.07 3.49 -0.40
C LEU A 293 -1.12 4.50 0.00
N GLN A 294 -2.31 4.03 0.33
CA GLN A 294 -3.42 4.92 0.66
C GLN A 294 -3.25 5.54 2.02
N GLY A 295 -2.43 4.96 2.89
CA GLY A 295 -2.27 5.50 4.21
C GLY A 295 -2.27 4.48 5.35
N GLU A 296 -2.58 3.22 5.08
CA GLU A 296 -2.49 2.25 6.16
C GLU A 296 -1.03 2.09 6.56
N ARG A 297 -0.71 2.37 7.81
CA ARG A 297 0.69 2.40 8.21
C ARG A 297 1.32 1.02 8.12
N LEU A 298 2.54 0.96 7.58
CA LEU A 298 3.22 -0.28 7.29
C LEU A 298 3.71 -0.93 8.58
N LEU A 299 3.28 -2.16 8.82
CA LEU A 299 3.75 -2.96 9.95
C LEU A 299 4.94 -3.80 9.53
N THR A 300 5.96 -3.81 10.39
CA THR A 300 7.13 -4.65 10.21
C THR A 300 7.34 -5.42 11.51
N MET A 301 7.53 -6.73 11.41
CA MET A 301 7.69 -7.52 12.62
C MET A 301 8.96 -7.06 13.37
N SER A 302 8.87 -7.03 14.70
CA SER A 302 9.94 -6.49 15.54
C SER A 302 11.17 -7.37 15.44
N CYS A 303 12.30 -6.84 15.93
CA CYS A 303 13.56 -7.56 15.77
C CYS A 303 13.68 -8.74 16.74
N SER A 304 13.08 -8.64 17.92
CA SER A 304 13.05 -9.80 18.82
C SER A 304 12.29 -10.94 18.19
N ASP A 305 11.28 -10.63 17.38
CA ASP A 305 10.55 -11.65 16.66
C ASP A 305 11.37 -12.19 15.49
N LYS A 306 12.01 -11.34 14.72
CA LYS A 306 12.73 -11.87 13.57
C LYS A 306 13.88 -12.75 14.02
N ILE A 307 14.47 -12.48 15.19
CA ILE A 307 15.58 -13.29 15.65
C ILE A 307 15.09 -14.62 16.22
N ALA A 308 13.93 -14.61 16.89
CA ALA A 308 13.30 -15.87 17.31
C ALA A 308 13.01 -16.75 16.09
N ARG A 309 12.54 -16.14 15.00
CA ARG A 309 12.33 -16.88 13.76
C ARG A 309 13.64 -17.50 13.28
N TRP A 310 14.71 -16.69 13.15
CA TRP A 310 16.01 -17.24 12.78
C TRP A 310 16.47 -18.35 13.72
N ASN A 311 15.93 -18.42 14.93
CA ASN A 311 16.29 -19.50 15.84
C ASN A 311 15.55 -20.81 15.54
N VAL A 312 14.64 -20.79 14.57
CA VAL A 312 13.88 -21.96 14.10
C VAL A 312 14.21 -22.27 12.64
N VAL A 313 13.80 -21.38 11.72
CA VAL A 313 14.05 -21.57 10.29
C VAL A 313 15.50 -21.33 9.87
N GLY A 314 16.36 -20.84 10.75
CA GLY A 314 17.73 -20.54 10.40
C GLY A 314 17.92 -19.09 9.97
N ILE A 315 19.19 -18.69 9.88
CA ILE A 315 19.54 -17.35 9.42
C ILE A 315 19.76 -17.25 7.90
N GLN A 316 19.68 -18.36 7.16
CA GLN A 316 20.07 -18.36 5.75
C GLN A 316 18.96 -17.93 4.79
N GLY A 317 17.73 -17.89 5.25
CA GLY A 317 16.61 -17.62 4.36
C GLY A 317 16.13 -18.84 3.60
N SER A 318 15.02 -18.62 2.89
CA SER A 318 14.42 -19.66 2.07
C SER A 318 15.29 -19.95 0.85
N LEU A 319 15.64 -18.90 0.10
CA LEU A 319 16.37 -19.10 -1.15
C LEU A 319 17.65 -19.90 -0.93
N LEU A 320 18.48 -19.49 0.03
CA LEU A 320 19.71 -20.22 0.26
C LEU A 320 19.46 -21.65 0.75
N SER A 321 18.29 -21.94 1.32
CA SER A 321 18.07 -23.30 1.84
C SER A 321 17.93 -24.30 0.71
N ILE A 322 17.70 -23.82 -0.52
CA ILE A 322 17.68 -24.67 -1.68
C ILE A 322 19.06 -25.21 -2.00
N PHE A 323 20.12 -24.57 -1.48
CA PHE A 323 21.51 -25.04 -1.58
C PHE A 323 22.07 -25.56 -0.27
N VAL A 324 21.69 -24.94 0.86
CA VAL A 324 22.36 -25.16 2.13
C VAL A 324 21.40 -25.76 3.15
N GLU A 325 21.96 -26.54 4.08
CA GLU A 325 21.27 -26.96 5.29
C GLU A 325 21.18 -25.79 6.26
N PRO A 326 20.21 -25.80 7.19
CA PRO A 326 19.98 -24.63 8.03
C PRO A 326 21.21 -24.26 8.86
N ILE A 327 21.34 -22.95 9.12
CA ILE A 327 22.46 -22.39 9.89
C ILE A 327 21.90 -21.54 11.04
N TYR A 328 22.60 -21.52 12.16
CA TYR A 328 22.08 -20.85 13.35
C TYR A 328 23.17 -20.02 14.01
N PHE A 329 22.75 -18.91 14.58
CA PHE A 329 23.64 -18.20 15.49
C PHE A 329 23.92 -19.06 16.71
N SER A 330 25.19 -19.18 17.05
CA SER A 330 25.61 -19.95 18.20
C SER A 330 25.67 -19.12 19.48
N SER A 331 25.76 -17.80 19.35
CA SER A 331 25.61 -16.87 20.47
C SER A 331 24.94 -15.60 19.98
N ILE A 332 24.27 -14.92 20.90
CA ILE A 332 23.72 -13.59 20.67
C ILE A 332 24.26 -12.69 21.77
N ILE A 333 25.00 -11.65 21.39
CA ILE A 333 25.67 -10.78 22.35
C ILE A 333 25.11 -9.37 22.23
N LEU A 334 24.71 -8.81 23.38
CA LEU A 334 24.24 -7.44 23.50
C LEU A 334 25.32 -6.56 24.12
N GLY A 335 25.57 -5.42 23.49
CA GLY A 335 26.51 -4.44 24.00
C GLY A 335 25.98 -3.51 25.06
N SER A 336 24.68 -3.54 25.34
CA SER A 336 24.01 -2.68 26.31
C SER A 336 22.58 -3.19 26.46
N LEU A 337 21.98 -2.91 27.62
CA LEU A 337 20.55 -3.18 27.88
C LEU A 337 20.24 -4.68 27.93
N TYR A 338 21.17 -5.47 28.45
CA TYR A 338 20.97 -6.91 28.57
C TYR A 338 20.10 -7.26 29.77
N HIS A 339 19.13 -8.16 29.56
CA HIS A 339 18.20 -8.63 30.60
C HIS A 339 17.98 -10.13 30.38
N GLY A 340 18.71 -10.96 31.13
CA GLY A 340 18.76 -12.38 30.81
C GLY A 340 17.41 -13.02 30.57
N ASP A 341 16.43 -12.72 31.44
CA ASP A 341 15.14 -13.38 31.33
C ASP A 341 14.34 -12.86 30.14
N HIS A 342 14.30 -11.53 29.97
CA HIS A 342 13.63 -10.97 28.80
C HIS A 342 14.22 -11.54 27.50
N LEU A 343 15.54 -11.55 27.40
CA LEU A 343 16.18 -12.05 26.19
C LEU A 343 15.90 -13.54 25.97
N SER A 344 16.14 -14.37 27.00
CA SER A 344 15.88 -15.80 26.85
C SER A 344 14.43 -16.05 26.51
N ARG A 345 13.52 -15.29 27.09
CA ARG A 345 12.13 -15.47 26.68
C ARG A 345 11.97 -15.13 25.21
N ALA A 346 12.58 -14.02 24.79
CA ALA A 346 12.28 -13.50 23.46
C ALA A 346 12.84 -14.38 22.38
N MET A 347 14.03 -14.95 22.61
CA MET A 347 14.76 -15.62 21.55
C MET A 347 14.33 -17.05 21.34
N TYR A 348 13.64 -17.68 22.30
CA TYR A 348 13.24 -19.07 22.13
C TYR A 348 12.24 -19.61 23.16
N GLN A 349 12.43 -19.32 24.45
CA GLN A 349 11.61 -20.01 25.44
C GLN A 349 10.12 -19.75 25.25
N ARG A 350 9.75 -18.58 24.74
CA ARG A 350 8.33 -18.33 24.53
C ARG A 350 7.69 -19.25 23.49
N ILE A 351 8.49 -19.95 22.68
CA ILE A 351 7.92 -20.90 21.73
C ILE A 351 8.49 -22.30 21.93
N SER A 352 8.76 -22.68 23.18
CA SER A 352 9.24 -24.02 23.48
C SER A 352 8.16 -25.07 23.29
N ASN A 353 6.96 -24.63 22.87
CA ASN A 353 5.86 -25.49 22.49
C ASN A 353 5.86 -25.81 20.98
N ILE A 354 6.97 -25.57 20.29
CA ILE A 354 6.99 -25.83 18.86
C ILE A 354 7.13 -27.33 18.63
N GLU A 355 6.41 -27.83 17.63
CA GLU A 355 6.40 -29.24 17.30
C GLU A 355 6.54 -29.44 15.80
N ASP A 356 6.98 -30.64 15.43
CA ASP A 356 6.93 -31.14 14.05
C ASP A 356 7.84 -30.31 13.13
N LEU A 357 9.03 -30.19 13.56
CA LEU A 357 9.86 -29.46 12.61
C LEU A 357 10.47 -30.41 11.59
N PRO A 358 10.64 -29.95 10.34
CA PRO A 358 11.28 -30.77 9.32
C PRO A 358 12.67 -31.17 9.76
N PRO A 359 13.24 -32.21 9.18
CA PRO A 359 14.53 -32.70 9.64
C PRO A 359 15.58 -31.61 9.61
N LEU A 360 16.52 -31.69 10.56
CA LEU A 360 17.65 -30.76 10.69
C LEU A 360 17.24 -29.38 11.19
N TYR A 361 15.95 -29.08 11.24
CA TYR A 361 15.47 -27.91 11.95
C TYR A 361 15.22 -28.23 13.42
N THR A 362 15.45 -27.23 14.24
CA THR A 362 15.26 -27.36 15.68
C THR A 362 14.86 -25.99 16.20
N LEU A 363 14.60 -25.89 17.49
CA LEU A 363 14.49 -24.59 18.14
C LEU A 363 15.85 -24.31 18.76
N ASN A 364 16.60 -23.43 18.13
CA ASN A 364 17.97 -23.21 18.53
C ASN A 364 18.00 -22.36 19.80
N LYS A 365 18.89 -22.70 20.71
CA LYS A 365 19.03 -22.01 21.98
C LYS A 365 20.48 -21.51 22.06
N PRO A 366 20.79 -20.43 21.36
CA PRO A 366 22.17 -19.93 21.39
C PRO A 366 22.52 -19.44 22.77
N LEU A 367 23.83 -19.32 22.99
CA LEU A 367 24.33 -18.65 24.19
C LEU A 367 23.88 -17.21 24.18
N LEU A 368 23.38 -16.73 25.30
CA LEU A 368 23.09 -15.31 25.45
C LEU A 368 24.04 -14.70 26.46
N SER A 369 24.42 -13.46 26.24
CA SER A 369 25.31 -12.78 27.18
C SER A 369 25.40 -11.31 26.81
N GLY A 370 25.52 -10.47 27.85
CA GLY A 370 25.96 -9.10 27.68
C GLY A 370 27.47 -9.04 27.78
N ILE A 371 28.00 -7.83 27.64
CA ILE A 371 29.44 -7.60 27.71
C ILE A 371 29.79 -6.99 29.06
N SER A 372 31.09 -7.02 29.38
CA SER A 372 31.55 -6.49 30.65
C SER A 372 31.37 -4.99 30.73
N ASN A 373 31.82 -4.26 29.71
CA ASN A 373 31.79 -2.81 29.67
C ASN A 373 30.64 -2.38 28.74
N ALA A 374 29.46 -2.20 29.31
CA ALA A 374 28.29 -1.83 28.52
C ALA A 374 28.54 -0.56 27.70
N GLU A 375 28.16 -0.61 26.43
CA GLU A 375 28.26 0.54 25.53
C GLU A 375 27.41 1.70 26.06
N ALA A 376 27.75 2.91 25.61
CA ALA A 376 27.17 4.14 26.13
C ALA A 376 26.11 4.69 25.18
N ARG A 377 25.02 5.18 25.75
CA ARG A 377 23.98 5.84 24.94
C ARG A 377 24.63 6.86 24.00
N GLN A 378 24.10 6.96 22.79
CA GLN A 378 24.61 7.92 21.80
C GLN A 378 23.74 9.16 21.82
N PRO A 379 24.30 10.35 21.97
CA PRO A 379 23.45 11.55 22.01
C PRO A 379 23.29 12.14 20.62
N GLY A 380 22.11 12.69 20.38
CA GLY A 380 21.76 13.30 19.11
C GLY A 380 20.49 12.69 18.54
N LYS A 381 19.98 13.36 17.49
CA LYS A 381 18.95 12.77 16.67
C LYS A 381 19.49 11.48 16.06
N ALA A 382 18.65 10.45 16.00
CA ALA A 382 19.05 9.20 15.34
C ALA A 382 19.29 9.43 13.85
N PRO A 383 20.41 8.96 13.31
CA PRO A 383 20.61 9.06 11.85
C PRO A 383 19.51 8.34 11.09
N ASN A 384 19.05 8.96 10.01
CA ASN A 384 18.08 8.35 9.12
C ASN A 384 18.73 7.42 8.09
N PHE A 385 20.02 7.18 8.20
CA PHE A 385 20.73 6.34 7.24
C PHE A 385 21.24 5.09 7.95
N SER A 386 21.70 4.15 7.13
CA SER A 386 22.15 2.84 7.58
C SER A 386 23.30 2.37 6.69
N VAL A 387 24.39 1.92 7.33
CA VAL A 387 25.57 1.47 6.61
C VAL A 387 25.67 -0.05 6.72
N ASN A 388 26.25 -0.66 5.69
CA ASN A 388 26.42 -2.11 5.68
C ASN A 388 27.74 -2.47 5.06
N TRP A 389 28.36 -3.53 5.58
CA TRP A 389 29.63 -3.99 5.04
C TRP A 389 29.74 -5.49 5.28
N THR A 390 30.10 -6.23 4.24
CA THR A 390 30.41 -7.64 4.31
C THR A 390 31.90 -7.85 4.06
N VAL A 391 32.46 -8.90 4.66
CA VAL A 391 33.83 -9.27 4.33
C VAL A 391 33.93 -9.50 2.83
N GLY A 392 34.93 -8.89 2.22
CA GLY A 392 35.10 -8.92 0.79
C GLY A 392 34.78 -7.62 0.11
N ASP A 393 33.96 -6.77 0.72
CA ASP A 393 33.70 -5.45 0.15
C ASP A 393 34.82 -4.50 0.50
N SER A 394 35.01 -3.49 -0.35
CA SER A 394 36.11 -2.58 -0.09
C SER A 394 35.70 -1.43 0.81
N ALA A 395 34.48 -0.91 0.66
CA ALA A 395 34.00 0.17 1.53
C ALA A 395 32.63 -0.14 2.11
N ILE A 396 32.03 0.83 2.81
CA ILE A 396 30.67 0.66 3.33
C ILE A 396 29.68 1.16 2.29
N GLU A 397 28.45 0.70 2.42
CA GLU A 397 27.34 1.19 1.61
C GLU A 397 26.38 1.96 2.52
N VAL A 398 25.88 3.10 2.06
CA VAL A 398 25.04 3.95 2.90
C VAL A 398 23.65 3.95 2.31
N ILE A 399 22.66 3.55 3.11
CA ILE A 399 21.28 3.54 2.67
C ILE A 399 20.48 4.51 3.52
N ASN A 400 19.69 5.34 2.85
CA ASN A 400 18.59 6.08 3.47
C ASN A 400 17.53 5.09 3.90
N ALA A 401 17.33 4.94 5.21
CA ALA A 401 16.39 3.91 5.65
C ALA A 401 14.95 4.25 5.28
N THR A 402 14.60 5.54 5.17
CA THR A 402 13.21 5.79 4.86
C THR A 402 12.90 5.57 3.38
N THR A 403 13.92 5.48 2.53
CA THR A 403 13.72 5.13 1.14
C THR A 403 14.21 3.73 0.79
N GLY A 404 14.99 3.10 1.66
CA GLY A 404 15.51 1.77 1.42
C GLY A 404 16.45 1.75 0.24
N LYS A 405 16.95 2.94 -0.14
CA LYS A 405 17.87 3.10 -1.27
C LYS A 405 18.99 4.04 -0.84
N ASP A 406 20.04 4.12 -1.68
CA ASP A 406 21.22 4.89 -1.32
C ASP A 406 21.02 6.36 -1.72
N GLU A 407 22.00 7.20 -1.37
CA GLU A 407 21.75 8.64 -1.42
C GLU A 407 21.37 9.10 -2.82
N LEU A 408 21.83 8.40 -3.86
CA LEU A 408 21.53 8.75 -5.24
C LEU A 408 20.38 7.92 -5.83
N GLY A 409 19.56 7.28 -4.98
CA GLY A 409 18.43 6.51 -5.47
C GLY A 409 18.75 5.15 -6.06
N ARG A 410 19.96 4.63 -5.84
CA ARG A 410 20.35 3.33 -6.39
C ARG A 410 20.08 2.21 -5.40
N ALA A 411 19.80 1.02 -5.93
CA ALA A 411 19.47 -0.12 -5.09
C ALA A 411 20.67 -0.62 -4.33
N SER A 412 20.42 -1.21 -3.17
CA SER A 412 21.50 -1.72 -2.35
C SER A 412 21.92 -3.11 -2.80
N ARG A 413 23.17 -3.45 -2.48
CA ARG A 413 23.64 -4.83 -2.58
C ARG A 413 22.91 -5.77 -1.64
N LEU A 414 22.03 -5.24 -0.80
CA LEU A 414 21.25 -6.07 0.10
C LEU A 414 19.79 -6.23 -0.33
N CYS A 415 19.33 -5.48 -1.32
CA CYS A 415 17.91 -5.54 -1.63
C CYS A 415 17.50 -6.90 -2.23
N LYS A 416 16.19 -7.14 -2.21
CA LYS A 416 15.66 -8.40 -2.70
C LYS A 416 16.15 -8.68 -4.11
N HIS A 417 16.26 -7.65 -4.94
CA HIS A 417 16.63 -7.88 -6.33
C HIS A 417 18.09 -8.31 -6.42
N ALA A 418 18.96 -7.62 -5.68
CA ALA A 418 20.35 -8.03 -5.55
C ALA A 418 20.45 -9.51 -5.18
N LEU A 419 19.82 -9.88 -4.05
CA LEU A 419 19.97 -11.23 -3.52
C LEU A 419 19.43 -12.29 -4.49
N TYR A 420 18.29 -12.01 -5.12
CA TYR A 420 17.81 -12.88 -6.19
C TYR A 420 18.92 -13.11 -7.22
N CYS A 421 19.66 -12.05 -7.54
CA CYS A 421 20.68 -12.18 -8.58
C CYS A 421 21.89 -12.96 -8.07
N ARG A 422 22.35 -12.71 -6.83
CA ARG A 422 23.36 -13.59 -6.27
C ARG A 422 22.87 -15.04 -6.33
N TRP A 423 21.59 -15.24 -6.02
CA TRP A 423 21.04 -16.58 -5.97
C TRP A 423 21.01 -17.25 -7.33
N MET A 424 20.68 -16.49 -8.38
CA MET A 424 20.60 -17.07 -9.71
C MET A 424 21.98 -17.49 -10.21
N ARG A 425 22.99 -16.63 -10.01
CA ARG A 425 24.34 -16.98 -10.44
C ARG A 425 24.76 -18.31 -9.85
N VAL A 426 24.45 -18.53 -8.58
CA VAL A 426 24.76 -19.81 -7.97
C VAL A 426 23.89 -20.92 -8.54
N HIS A 427 22.58 -20.65 -8.72
CA HIS A 427 21.68 -21.65 -9.30
C HIS A 427 22.20 -22.17 -10.62
N GLY A 428 22.70 -21.26 -11.46
CA GLY A 428 23.17 -21.62 -12.78
C GLY A 428 24.40 -22.51 -12.81
N LYS A 429 25.10 -22.67 -11.69
CA LYS A 429 26.22 -23.59 -11.67
C LYS A 429 26.09 -24.70 -10.62
N VAL A 430 24.89 -25.01 -10.17
CA VAL A 430 24.72 -26.11 -9.22
C VAL A 430 24.01 -27.25 -9.95
N PRO A 431 24.69 -28.38 -10.18
CA PRO A 431 24.05 -29.51 -10.84
C PRO A 431 22.72 -29.89 -10.20
N SER A 432 21.68 -29.93 -11.03
CA SER A 432 20.33 -30.32 -10.59
C SER A 432 20.33 -31.49 -9.62
N HIS A 433 21.29 -32.41 -9.75
CA HIS A 433 21.32 -33.53 -8.82
C HIS A 433 21.79 -33.09 -7.44
N LEU A 434 22.71 -32.12 -7.35
CA LEU A 434 23.25 -31.62 -6.10
C LEU A 434 22.35 -30.59 -5.39
N LEU A 435 21.13 -30.36 -5.87
CA LEU A 435 20.22 -29.48 -5.17
C LEU A 435 19.73 -30.14 -3.88
N ARG A 436 19.22 -29.29 -2.97
CA ARG A 436 18.56 -29.73 -1.75
C ARG A 436 17.05 -29.85 -1.93
N SER A 437 16.48 -29.05 -2.82
CA SER A 437 15.13 -29.26 -3.30
C SER A 437 15.16 -29.44 -4.81
N LYS A 438 14.29 -30.31 -5.31
CA LYS A 438 14.15 -30.54 -6.74
C LYS A 438 12.86 -29.95 -7.28
N ILE A 439 12.15 -29.18 -6.45
CA ILE A 439 10.95 -28.48 -6.87
C ILE A 439 11.31 -27.42 -7.90
N THR A 440 10.51 -27.34 -8.97
CA THR A 440 10.68 -26.35 -10.03
C THR A 440 9.55 -25.34 -9.92
N LYS A 441 9.91 -24.06 -9.98
CA LYS A 441 8.95 -22.96 -9.92
C LYS A 441 9.39 -21.93 -10.95
N PRO A 442 8.46 -21.17 -11.50
CA PRO A 442 8.86 -20.12 -12.44
C PRO A 442 9.80 -19.14 -11.76
N ASN A 443 10.58 -18.43 -12.58
CA ASN A 443 11.65 -17.58 -12.06
C ASN A 443 11.12 -16.20 -11.66
N VAL A 444 10.30 -16.18 -10.61
CA VAL A 444 9.93 -14.93 -9.96
C VAL A 444 10.16 -15.10 -8.46
N TYR A 445 10.67 -14.04 -7.84
CA TYR A 445 11.13 -14.06 -6.46
C TYR A 445 10.21 -14.88 -5.55
N HIS A 446 8.93 -14.48 -5.46
CA HIS A 446 8.02 -15.18 -4.58
C HIS A 446 8.00 -16.68 -4.88
N GLU A 447 7.96 -17.06 -6.16
CA GLU A 447 7.80 -18.46 -6.50
C GLU A 447 9.05 -19.28 -6.15
N SER A 448 10.24 -18.78 -6.52
CA SER A 448 11.44 -19.53 -6.13
C SER A 448 11.46 -19.80 -4.65
N LYS A 449 11.05 -18.81 -3.83
CA LYS A 449 10.97 -19.03 -2.39
C LYS A 449 10.11 -20.25 -2.08
N LEU A 450 8.96 -20.35 -2.74
CA LEU A 450 8.08 -21.50 -2.55
C LEU A 450 8.74 -22.84 -2.90
N ALA A 451 9.80 -22.84 -3.70
CA ALA A 451 10.49 -24.09 -3.98
C ALA A 451 11.22 -24.66 -2.77
N ALA A 452 11.36 -23.89 -1.68
CA ALA A 452 11.99 -24.40 -0.45
C ALA A 452 10.90 -24.97 0.48
N LYS A 453 10.31 -26.08 0.02
CA LYS A 453 9.17 -26.73 0.70
C LYS A 453 9.44 -26.93 2.20
N GLU A 454 10.63 -27.43 2.54
CA GLU A 454 10.92 -27.75 3.94
C GLU A 454 11.07 -26.49 4.79
N TYR A 455 11.87 -25.53 4.31
CA TYR A 455 11.93 -24.22 4.97
C TYR A 455 10.53 -23.66 5.16
N GLN A 456 9.71 -23.73 4.11
CA GLN A 456 8.37 -23.14 4.22
C GLN A 456 7.54 -23.84 5.28
N ALA A 457 7.88 -25.07 5.64
CA ALA A 457 7.11 -25.78 6.65
C ALA A 457 7.68 -25.54 8.04
N ALA A 458 8.99 -25.31 8.14
CA ALA A 458 9.53 -24.75 9.37
C ALA A 458 8.77 -23.48 9.71
N LYS A 459 8.79 -22.52 8.78
CA LYS A 459 8.04 -21.28 8.89
C LYS A 459 6.62 -21.53 9.42
N ALA A 460 5.95 -22.52 8.86
CA ALA A 460 4.57 -22.75 9.22
C ALA A 460 4.44 -23.20 10.67
N ARG A 461 5.37 -24.04 11.14
CA ARG A 461 5.35 -24.47 12.54
C ARG A 461 5.63 -23.29 13.46
N LEU A 462 6.59 -22.46 13.07
CA LEU A 462 6.85 -21.21 13.77
C LEU A 462 5.57 -20.41 13.96
N PHE A 463 4.94 -20.02 12.85
CA PHE A 463 3.74 -19.19 12.96
C PHE A 463 2.73 -19.83 13.87
N THR A 464 2.65 -21.18 13.83
CA THR A 464 1.70 -21.91 14.65
C THR A 464 2.11 -21.90 16.12
N ALA A 465 3.40 -22.01 16.41
CA ALA A 465 3.85 -21.99 17.79
C ALA A 465 3.45 -20.67 18.45
N PHE A 466 3.68 -19.54 17.75
CA PHE A 466 3.23 -18.27 18.28
C PHE A 466 1.73 -18.27 18.46
N ILE A 467 0.97 -18.73 17.46
CA ILE A 467 -0.48 -18.62 17.55
C ILE A 467 -1.02 -19.44 18.71
N LYS A 468 -0.64 -20.72 18.76
CA LYS A 468 -1.15 -21.61 19.81
C LYS A 468 -0.74 -21.14 21.20
N ALA A 469 0.36 -20.41 21.31
CA ALA A 469 0.82 -19.91 22.58
C ALA A 469 0.20 -18.58 22.98
N GLY A 470 -0.89 -18.15 22.33
CA GLY A 470 -1.53 -16.89 22.63
C GLY A 470 -0.76 -15.66 22.25
N LEU A 471 0.32 -15.80 21.48
CA LEU A 471 1.27 -14.70 21.27
C LEU A 471 1.03 -13.93 19.97
N GLY A 472 -0.11 -14.14 19.31
CA GLY A 472 -0.42 -13.41 18.09
C GLY A 472 0.02 -14.13 16.82
N ALA A 473 -0.58 -13.70 15.69
CA ALA A 473 -0.30 -14.26 14.36
C ALA A 473 0.67 -13.36 13.59
N TRP A 474 1.68 -13.98 13.00
CA TRP A 474 2.71 -13.26 12.23
C TRP A 474 2.12 -12.33 11.16
N VAL A 475 2.78 -11.19 10.95
CA VAL A 475 2.32 -10.21 9.99
C VAL A 475 3.30 -10.19 8.83
N GLU A 476 2.77 -10.41 7.63
CA GLU A 476 3.56 -10.51 6.41
C GLU A 476 3.35 -9.27 5.55
N LYS A 477 4.28 -9.06 4.62
CA LYS A 477 4.12 -7.96 3.68
C LYS A 477 3.08 -8.31 2.62
N PRO A 478 2.58 -7.31 1.89
CA PRO A 478 1.64 -7.62 0.80
C PRO A 478 2.30 -8.52 -0.25
N THR A 479 1.51 -9.47 -0.78
CA THR A 479 2.09 -10.48 -1.67
C THR A 479 2.76 -9.85 -2.88
N GLU A 480 2.21 -8.74 -3.42
CA GLU A 480 2.84 -8.03 -4.53
C GLU A 480 4.32 -7.75 -4.33
N GLN A 481 4.77 -7.65 -3.07
CA GLN A 481 6.13 -7.20 -2.80
C GLN A 481 7.18 -8.11 -3.42
N ASP A 482 6.89 -9.41 -3.52
CA ASP A 482 7.84 -10.37 -4.06
C ASP A 482 7.47 -10.87 -5.47
N GLN A 483 6.32 -10.44 -6.00
CA GLN A 483 5.89 -10.86 -7.33
C GLN A 483 6.60 -10.05 -8.42
N PHE A 484 7.93 -10.10 -8.41
CA PHE A 484 8.74 -9.46 -9.45
C PHE A 484 9.72 -10.47 -10.05
N SER A 485 10.20 -10.15 -11.24
CA SER A 485 11.13 -11.02 -11.93
C SER A 485 12.38 -10.27 -12.34
N LEU A 486 13.45 -11.03 -12.60
CA LEU A 486 14.69 -10.45 -13.14
C LEU A 486 14.58 -10.19 -14.64
N THR A 487 13.65 -10.85 -15.32
CA THR A 487 13.38 -10.69 -16.76
C THR A 487 12.61 -9.40 -17.08
N ASN B 22 14.36 24.04 -6.70
CA ASN B 22 14.55 23.87 -8.14
C ASN B 22 13.55 24.61 -9.05
N PRO B 23 12.31 24.90 -8.58
CA PRO B 23 11.41 25.70 -9.42
C PRO B 23 11.40 27.18 -9.09
N VAL B 24 11.10 27.51 -7.83
CA VAL B 24 11.02 28.90 -7.39
C VAL B 24 12.38 29.54 -7.56
N MET B 25 13.43 28.70 -7.55
CA MET B 25 14.78 29.18 -7.82
C MET B 25 14.87 29.81 -9.21
N ILE B 26 14.22 29.18 -10.19
CA ILE B 26 14.17 29.75 -11.53
C ILE B 26 13.31 31.02 -11.54
N LEU B 27 12.17 30.99 -10.87
CA LEU B 27 11.29 32.15 -10.85
C LEU B 27 11.97 33.37 -10.23
N ASN B 28 12.75 33.15 -9.16
CA ASN B 28 13.39 34.24 -8.43
C ASN B 28 14.80 34.54 -8.89
N GLU B 29 15.30 33.81 -9.90
CA GLU B 29 16.48 34.23 -10.65
C GLU B 29 16.13 34.74 -12.03
N LEU B 30 14.86 34.64 -12.44
CA LEU B 30 14.39 35.22 -13.70
C LEU B 30 13.46 36.41 -13.52
N ARG B 31 12.90 36.61 -12.33
CA ARG B 31 12.22 37.86 -11.96
C ARG B 31 12.57 38.14 -10.50
N PRO B 32 13.82 38.52 -10.22
CA PRO B 32 14.39 38.32 -8.87
C PRO B 32 13.91 39.28 -7.78
N GLY B 33 12.86 40.05 -8.03
CA GLY B 33 12.39 40.96 -7.00
C GLY B 33 11.13 40.49 -6.30
N LEU B 34 10.83 39.20 -6.43
CA LEU B 34 9.53 38.66 -6.03
C LEU B 34 9.48 38.34 -4.54
N LYS B 35 8.28 38.46 -3.97
CA LYS B 35 7.98 37.88 -2.66
C LYS B 35 6.59 37.27 -2.69
N TYR B 36 6.48 36.13 -2.01
CA TYR B 36 5.26 35.35 -1.87
C TYR B 36 4.61 35.69 -0.53
N ASP B 37 3.28 35.67 -0.48
CA ASP B 37 2.59 35.92 0.78
C ASP B 37 1.84 34.67 1.23
N PHE B 38 1.97 34.37 2.52
CA PHE B 38 1.39 33.18 3.16
C PHE B 38 -0.10 33.42 3.38
N LEU B 39 -0.93 32.81 2.54
CA LEU B 39 -2.37 32.99 2.64
C LEU B 39 -2.93 32.27 3.86
N SER B 40 -3.23 30.98 3.72
CA SER B 40 -4.04 30.27 4.69
C SER B 40 -3.36 28.96 5.07
N GLU B 41 -4.05 28.21 5.94
CA GLU B 41 -3.67 26.88 6.38
C GLU B 41 -4.94 26.13 6.77
N SER B 42 -5.01 24.84 6.42
CA SER B 42 -6.21 24.03 6.61
C SER B 42 -5.94 22.84 7.51
N GLY B 43 -7.02 22.13 7.87
CA GLY B 43 -6.97 20.86 8.56
C GLY B 43 -6.46 20.84 9.99
N GLU B 44 -5.53 19.92 10.26
CA GLU B 44 -4.96 19.70 11.58
C GLU B 44 -3.57 19.09 11.40
N SER B 45 -2.62 19.53 12.26
CA SER B 45 -1.16 19.50 12.07
C SER B 45 -0.55 18.37 11.23
N HIS B 46 -1.33 17.36 10.84
CA HIS B 46 -0.82 16.24 10.05
C HIS B 46 -1.50 16.10 8.69
N ALA B 47 -2.82 16.30 8.63
CA ALA B 47 -3.52 16.57 7.37
C ALA B 47 -3.58 18.06 7.07
N LYS B 48 -2.54 18.80 7.47
CA LYS B 48 -2.48 20.24 7.30
C LYS B 48 -1.86 20.60 5.97
N SER B 49 -2.48 21.55 5.27
CA SER B 49 -2.00 22.04 3.99
C SER B 49 -1.94 23.56 4.02
N PHE B 50 -0.80 24.12 3.63
CA PHE B 50 -0.64 25.55 3.47
C PHE B 50 -0.87 25.93 2.01
N VAL B 51 -1.48 27.09 1.79
CA VAL B 51 -1.63 27.66 0.46
C VAL B 51 -0.73 28.89 0.39
N MET B 52 0.03 29.00 -0.69
CA MET B 52 0.98 30.09 -0.88
C MET B 52 0.72 30.74 -2.23
N SER B 53 0.55 32.06 -2.21
CA SER B 53 0.26 32.84 -3.40
C SER B 53 1.43 33.74 -3.77
N VAL B 54 1.56 33.99 -5.07
CA VAL B 54 2.51 34.97 -5.59
C VAL B 54 1.85 35.67 -6.76
N VAL B 55 2.20 36.95 -6.95
CA VAL B 55 1.76 37.73 -8.10
C VAL B 55 3.04 38.19 -8.81
N VAL B 56 3.36 37.52 -9.92
CA VAL B 56 4.54 37.82 -10.72
C VAL B 56 4.08 38.29 -12.09
N ASP B 57 4.63 39.43 -12.54
CA ASP B 57 4.25 40.07 -13.81
C ASP B 57 2.74 40.30 -13.87
N GLY B 58 2.18 40.84 -12.79
CA GLY B 58 0.80 41.26 -12.76
C GLY B 58 -0.28 40.31 -12.25
N GLN B 59 -0.21 39.02 -12.59
CA GLN B 59 -1.29 38.08 -12.37
C GLN B 59 -0.99 37.10 -11.23
N PHE B 60 -2.08 36.62 -10.60
CA PHE B 60 -2.11 36.07 -9.25
C PHE B 60 -2.05 34.55 -9.30
N PHE B 61 -0.92 33.98 -8.87
CA PHE B 61 -0.71 32.53 -8.87
C PHE B 61 -0.87 31.94 -7.48
N GLU B 62 -1.06 30.62 -7.43
CA GLU B 62 -1.42 29.94 -6.21
C GLU B 62 -0.94 28.50 -6.28
N GLY B 63 -0.61 27.94 -5.12
CA GLY B 63 -0.30 26.53 -4.98
C GLY B 63 -0.56 26.06 -3.56
N SER B 64 -0.79 24.76 -3.41
CA SER B 64 -1.09 24.16 -2.12
C SER B 64 -0.10 23.05 -1.80
N GLY B 65 0.18 22.88 -0.52
CA GLY B 65 1.16 21.89 -0.10
C GLY B 65 1.11 21.61 1.39
N ARG B 66 1.70 20.47 1.76
CA ARG B 66 1.75 20.04 3.15
C ARG B 66 2.65 20.95 3.99
N ASN B 67 3.81 21.33 3.44
CA ASN B 67 4.72 22.28 4.05
C ASN B 67 4.81 23.53 3.17
N LYS B 68 5.31 24.62 3.77
CA LYS B 68 5.32 25.90 3.08
C LYS B 68 6.22 25.88 1.85
N LYS B 69 7.39 25.25 1.95
CA LYS B 69 8.37 25.30 0.86
C LYS B 69 7.90 24.54 -0.38
N LEU B 70 6.95 23.62 -0.24
CA LEU B 70 6.38 22.97 -1.40
C LEU B 70 5.13 23.67 -1.91
N ALA B 71 4.33 24.28 -1.03
CA ALA B 71 3.22 25.08 -1.52
C ALA B 71 3.71 26.17 -2.46
N LYS B 72 4.66 27.00 -1.99
CA LYS B 72 5.21 28.06 -2.83
C LYS B 72 5.99 27.51 -4.02
N ALA B 73 6.43 26.26 -3.97
CA ALA B 73 7.04 25.68 -5.15
C ALA B 73 6.00 25.32 -6.21
N ARG B 74 4.78 24.98 -5.78
CA ARG B 74 3.70 24.72 -6.72
C ARG B 74 3.16 26.02 -7.31
N ALA B 75 3.07 27.07 -6.48
CA ALA B 75 2.68 28.38 -6.99
C ALA B 75 3.70 28.91 -7.99
N ALA B 76 4.99 28.79 -7.66
CA ALA B 76 6.04 29.24 -8.57
C ALA B 76 6.00 28.47 -9.88
N GLN B 77 5.62 27.20 -9.85
CA GLN B 77 5.54 26.44 -11.09
C GLN B 77 4.31 26.84 -11.90
N SER B 78 3.17 27.08 -11.23
CA SER B 78 2.02 27.64 -11.94
C SER B 78 2.40 28.94 -12.62
N ALA B 79 3.34 29.68 -12.03
CA ALA B 79 3.83 30.93 -12.63
C ALA B 79 4.74 30.66 -13.82
N LEU B 80 5.69 29.74 -13.68
CA LEU B 80 6.63 29.47 -14.77
C LEU B 80 5.92 28.88 -15.99
N ALA B 81 4.87 28.09 -15.76
CA ALA B 81 4.15 27.47 -16.87
C ALA B 81 3.35 28.49 -17.64
N ALA B 82 2.73 29.45 -16.94
CA ALA B 82 1.92 30.47 -17.60
C ALA B 82 2.78 31.55 -18.26
N ILE B 83 3.61 32.24 -17.46
CA ILE B 83 4.40 33.35 -17.98
C ILE B 83 5.45 32.86 -18.98
N PHE B 84 6.12 31.74 -18.68
CA PHE B 84 7.07 31.14 -19.61
C PHE B 84 6.42 29.91 -20.24
N ASN B 85 6.85 28.73 -19.83
CA ASN B 85 6.19 27.49 -20.21
C ASN B 85 6.53 26.39 -19.22
N LEU B 86 6.23 25.15 -19.58
CA LEU B 86 6.16 24.04 -18.64
C LEU B 86 7.53 23.68 -18.10
N HIS B 87 7.53 22.76 -17.14
CA HIS B 87 8.65 22.46 -16.26
C HIS B 87 9.33 21.16 -16.71
N LEU B 88 10.03 20.51 -15.77
CA LEU B 88 10.56 19.16 -15.98
C LEU B 88 9.42 18.16 -16.00
N ASP B 89 9.12 17.62 -17.19
CA ASP B 89 7.98 16.71 -17.40
C ASP B 89 8.35 15.35 -16.82
N GLN B 90 8.10 15.18 -15.53
CA GLN B 90 8.50 13.96 -14.83
C GLN B 90 7.90 12.72 -15.50
N THR B 91 8.56 12.25 -16.56
CA THR B 91 8.19 11.09 -17.36
C THR B 91 6.78 11.29 -17.93
N PRO B 92 6.27 10.35 -18.74
CA PRO B 92 4.85 10.41 -19.10
C PRO B 92 3.91 10.12 -17.94
N SER B 93 4.43 9.54 -16.84
CA SER B 93 3.56 9.07 -15.76
C SER B 93 2.59 10.16 -15.30
N ARG B 94 3.09 11.38 -15.07
CA ARG B 94 2.23 12.50 -14.69
C ARG B 94 1.56 13.16 -15.89
N GLN B 95 1.74 12.62 -17.10
CA GLN B 95 1.12 13.39 -18.17
C GLN B 95 -0.25 12.82 -18.50
N PRO B 96 -1.19 13.71 -18.76
CA PRO B 96 -2.58 13.30 -18.96
C PRO B 96 -2.78 12.47 -20.22
N ILE B 97 -3.75 11.57 -20.15
CA ILE B 97 -4.22 10.80 -21.29
C ILE B 97 -5.48 11.49 -21.80
N PRO B 98 -5.61 11.75 -23.10
CA PRO B 98 -6.82 12.38 -23.65
C PRO B 98 -7.91 11.34 -23.91
N SER B 99 -9.06 11.83 -24.39
CA SER B 99 -10.24 11.01 -24.58
C SER B 99 -10.48 10.67 -26.05
N GLU B 100 -11.59 11.18 -26.60
CA GLU B 100 -11.93 11.07 -28.02
C GLU B 100 -12.88 12.22 -28.33
N GLY B 101 -12.47 13.14 -29.21
CA GLY B 101 -13.19 14.38 -29.42
C GLY B 101 -12.95 15.38 -28.31
N LEU B 102 -11.68 15.66 -28.03
CA LEU B 102 -11.23 16.32 -26.79
C LEU B 102 -11.69 17.78 -26.69
N GLN B 103 -12.92 18.01 -26.22
CA GLN B 103 -13.38 19.37 -26.01
C GLN B 103 -13.11 19.79 -24.56
N LEU B 104 -13.89 20.76 -24.06
CA LEU B 104 -13.77 21.26 -22.69
C LEU B 104 -12.33 21.67 -22.36
N HIS B 105 -11.68 22.30 -23.34
CA HIS B 105 -10.37 22.91 -23.20
C HIS B 105 -9.30 21.89 -22.81
N LEU B 106 -8.14 22.40 -22.38
CA LEU B 106 -6.95 21.58 -22.17
C LEU B 106 -7.15 20.66 -20.96
N PRO B 107 -6.50 19.49 -20.96
CA PRO B 107 -6.63 18.56 -19.84
C PRO B 107 -6.37 19.20 -18.48
N GLN B 108 -5.10 19.49 -18.17
CA GLN B 108 -4.72 19.88 -16.81
C GLN B 108 -5.47 21.11 -16.32
N VAL B 109 -5.97 21.95 -17.21
CA VAL B 109 -6.74 23.10 -16.74
C VAL B 109 -8.14 22.67 -16.30
N LEU B 110 -8.74 21.69 -16.98
CA LEU B 110 -9.96 21.08 -16.46
C LEU B 110 -9.70 20.39 -15.12
N ALA B 111 -8.73 19.46 -15.11
CA ALA B 111 -8.42 18.68 -13.92
C ALA B 111 -8.22 19.57 -12.70
N ASP B 112 -7.52 20.68 -12.85
CA ASP B 112 -7.29 21.54 -11.71
C ASP B 112 -8.58 22.23 -11.28
N ALA B 113 -9.49 22.48 -12.22
CA ALA B 113 -10.75 23.15 -11.89
C ALA B 113 -11.70 22.21 -11.17
N VAL B 114 -11.86 20.99 -11.72
CA VAL B 114 -12.67 19.96 -11.08
C VAL B 114 -12.22 19.74 -9.64
N SER B 115 -10.90 19.60 -9.47
CA SER B 115 -10.35 19.36 -8.15
C SER B 115 -10.63 20.53 -7.21
N ARG B 116 -10.42 21.75 -7.71
CA ARG B 116 -10.68 22.92 -6.89
C ARG B 116 -12.15 23.01 -6.53
N LEU B 117 -13.04 22.78 -7.52
CA LEU B 117 -14.47 22.88 -7.27
C LEU B 117 -14.91 21.90 -6.20
N VAL B 118 -14.57 20.63 -6.37
CA VAL B 118 -14.96 19.62 -5.40
C VAL B 118 -14.42 19.99 -4.03
N LEU B 119 -13.13 20.28 -3.95
CA LEU B 119 -12.53 20.58 -2.65
C LEU B 119 -13.13 21.84 -2.03
N GLY B 120 -13.41 22.85 -2.86
CA GLY B 120 -14.06 24.04 -2.35
C GLY B 120 -15.43 23.76 -1.78
N LYS B 121 -16.22 22.93 -2.48
CA LYS B 121 -17.59 22.66 -2.04
C LYS B 121 -17.59 21.82 -0.77
N PHE B 122 -16.64 20.89 -0.66
CA PHE B 122 -16.50 20.18 0.61
C PHE B 122 -16.18 21.15 1.74
N GLY B 123 -15.56 22.28 1.43
CA GLY B 123 -15.40 23.36 2.38
C GLY B 123 -16.74 23.82 2.91
N ASP B 124 -17.55 24.44 2.03
CA ASP B 124 -18.84 24.96 2.45
C ASP B 124 -19.66 23.96 3.23
N LEU B 125 -19.49 22.68 2.93
CA LEU B 125 -20.27 21.62 3.55
C LEU B 125 -19.80 21.26 4.95
N THR B 126 -18.75 21.89 5.47
CA THR B 126 -18.19 21.50 6.76
C THR B 126 -17.69 22.69 7.56
N ASP B 127 -18.44 23.80 7.55
CA ASP B 127 -18.02 25.07 8.13
C ASP B 127 -16.58 25.39 7.74
N ASN B 128 -16.34 25.43 6.44
CA ASN B 128 -15.02 25.62 5.86
C ASN B 128 -13.99 24.74 6.57
N PHE B 129 -14.26 23.44 6.53
CA PHE B 129 -13.38 22.37 7.03
C PHE B 129 -13.33 22.30 8.54
N SER B 130 -14.23 23.00 9.24
CA SER B 130 -14.19 23.02 10.70
C SER B 130 -14.89 21.81 11.33
N SER B 131 -15.88 21.24 10.65
CA SER B 131 -16.66 20.16 11.22
C SER B 131 -15.79 18.96 11.55
N PRO B 132 -16.21 18.11 12.50
CA PRO B 132 -15.48 16.84 12.70
C PRO B 132 -15.61 15.90 11.52
N HIS B 133 -16.71 16.00 10.77
CA HIS B 133 -16.93 15.19 9.58
C HIS B 133 -16.03 15.60 8.41
N ALA B 134 -15.25 16.67 8.59
CA ALA B 134 -14.26 17.03 7.57
C ALA B 134 -13.03 16.14 7.63
N ARG B 135 -12.83 15.45 8.74
CA ARG B 135 -11.76 14.48 8.93
C ARG B 135 -11.94 13.30 7.99
N ARG B 136 -11.07 13.13 6.98
CA ARG B 136 -11.24 12.06 6.00
C ARG B 136 -9.90 11.64 5.42
N LYS B 137 -9.86 10.42 4.87
CA LYS B 137 -8.72 9.96 4.09
C LYS B 137 -8.92 10.18 2.60
N VAL B 138 -10.06 9.74 2.05
CA VAL B 138 -10.36 9.90 0.64
C VAL B 138 -11.53 10.85 0.45
N LEU B 139 -11.36 11.79 -0.49
CA LEU B 139 -12.40 12.72 -0.92
C LEU B 139 -12.75 12.44 -2.38
N ALA B 140 -14.03 12.53 -2.71
CA ALA B 140 -14.48 12.23 -4.05
C ALA B 140 -15.60 13.17 -4.42
N GLY B 141 -15.85 13.28 -5.72
CA GLY B 141 -16.96 14.08 -6.19
C GLY B 141 -17.12 13.95 -7.69
N VAL B 142 -18.27 14.44 -8.17
CA VAL B 142 -18.56 14.50 -9.61
C VAL B 142 -19.06 15.91 -9.90
N VAL B 143 -18.54 16.51 -10.99
CA VAL B 143 -18.93 17.85 -11.39
C VAL B 143 -19.39 17.83 -12.83
N MET B 144 -20.31 18.74 -13.15
CA MET B 144 -20.98 18.77 -14.45
C MET B 144 -20.59 20.01 -15.24
N THR B 145 -20.44 19.83 -16.54
CA THR B 145 -20.11 20.90 -17.46
C THR B 145 -21.13 20.97 -18.56
N THR B 146 -21.18 22.12 -19.20
CA THR B 146 -22.03 22.34 -20.36
C THR B 146 -21.17 22.74 -21.55
N GLY B 147 -20.05 22.03 -21.72
CA GLY B 147 -19.18 22.22 -22.87
C GLY B 147 -18.44 23.54 -22.83
N THR B 148 -17.73 23.80 -23.93
CA THR B 148 -17.02 25.05 -24.21
C THR B 148 -16.25 25.60 -23.01
N ASP B 149 -16.94 26.22 -22.06
CA ASP B 149 -16.35 27.06 -21.03
C ASP B 149 -16.32 26.33 -19.68
N VAL B 150 -15.12 26.22 -19.09
CA VAL B 150 -14.99 25.60 -17.78
C VAL B 150 -15.49 26.50 -16.65
N LYS B 151 -15.74 27.78 -16.92
CA LYS B 151 -16.32 28.62 -15.88
C LYS B 151 -17.81 28.35 -15.70
N ASP B 152 -18.39 27.53 -16.57
CA ASP B 152 -19.79 27.10 -16.47
C ASP B 152 -19.95 25.83 -15.65
N ALA B 153 -18.93 25.40 -14.92
CA ALA B 153 -18.97 24.11 -14.27
C ALA B 153 -19.83 24.16 -13.01
N LYS B 154 -20.22 22.99 -12.53
CA LYS B 154 -21.18 22.87 -11.43
C LYS B 154 -20.96 21.53 -10.73
N VAL B 155 -20.70 21.59 -9.43
CA VAL B 155 -20.37 20.40 -8.65
C VAL B 155 -21.67 19.65 -8.35
N ILE B 156 -21.73 18.39 -8.79
CA ILE B 156 -22.97 17.63 -8.65
C ILE B 156 -23.04 16.86 -7.32
N SER B 157 -21.91 16.41 -6.82
CA SER B 157 -21.91 15.51 -5.69
C SER B 157 -20.55 15.54 -5.01
N VAL B 158 -20.55 15.37 -3.70
CA VAL B 158 -19.34 15.31 -2.90
C VAL B 158 -19.49 14.14 -1.94
N SER B 159 -18.35 13.50 -1.60
CA SER B 159 -18.39 12.34 -0.74
C SER B 159 -17.01 12.02 -0.18
N THR B 160 -17.01 11.30 0.94
CA THR B 160 -15.79 10.74 1.53
C THR B 160 -16.01 9.27 1.89
N GLY B 161 -14.95 8.61 2.36
CA GLY B 161 -15.06 7.27 2.91
C GLY B 161 -14.11 6.25 2.30
N THR B 162 -13.76 5.25 3.12
CA THR B 162 -12.88 4.17 2.69
C THR B 162 -13.23 2.85 3.36
N LYS B 163 -14.49 2.59 3.66
CA LYS B 163 -14.83 1.31 4.27
C LYS B 163 -16.14 0.80 3.68
N CYS B 164 -16.34 -0.50 3.85
CA CYS B 164 -17.49 -1.21 3.31
C CYS B 164 -18.35 -1.70 4.46
N ILE B 165 -19.57 -2.11 4.16
CA ILE B 165 -20.41 -2.65 5.22
C ILE B 165 -19.79 -3.94 5.74
N ASN B 166 -19.98 -4.18 7.03
CA ASN B 166 -19.57 -5.46 7.60
C ASN B 166 -20.68 -6.46 7.42
N GLY B 167 -20.30 -7.73 7.20
CA GLY B 167 -21.27 -8.74 6.82
C GLY B 167 -22.41 -8.86 7.81
N GLU B 168 -22.10 -8.78 9.09
CA GLU B 168 -23.13 -8.89 10.12
C GLU B 168 -24.27 -7.89 9.94
N TYR B 169 -24.03 -6.76 9.26
CA TYR B 169 -25.04 -5.70 9.17
C TYR B 169 -25.74 -5.61 7.82
N MET B 170 -25.48 -6.54 6.91
CA MET B 170 -26.10 -6.50 5.59
C MET B 170 -27.62 -6.66 5.68
N SER B 171 -28.35 -5.89 4.85
CA SER B 171 -29.80 -5.78 4.88
C SER B 171 -30.45 -6.70 3.85
N ASP B 172 -31.58 -7.30 4.22
CA ASP B 172 -32.35 -8.13 3.30
C ASP B 172 -33.40 -7.35 2.53
N ARG B 173 -33.55 -6.05 2.81
CA ARG B 173 -34.59 -5.21 2.21
C ARG B 173 -34.01 -3.94 1.60
N GLY B 174 -32.73 -3.96 1.24
CA GLY B 174 -32.08 -2.80 0.63
C GLY B 174 -32.01 -1.56 1.48
N LEU B 175 -31.76 -1.72 2.78
CA LEU B 175 -31.71 -0.61 3.72
C LEU B 175 -30.30 -0.24 4.16
N ALA B 176 -29.28 -0.87 3.59
CA ALA B 176 -27.91 -0.71 4.04
C ALA B 176 -27.01 -0.48 2.84
N LEU B 177 -26.00 0.35 3.04
CA LEU B 177 -25.05 0.68 2.00
C LEU B 177 -23.93 -0.35 2.03
N ASN B 178 -23.80 -1.13 0.97
CA ASN B 178 -22.79 -2.17 0.94
C ASN B 178 -21.39 -1.58 0.94
N ASP B 179 -21.19 -0.49 0.21
CA ASP B 179 -19.86 0.03 -0.09
C ASP B 179 -19.87 1.54 0.14
N CYS B 180 -18.95 2.02 0.96
CA CYS B 180 -18.90 3.46 1.23
C CYS B 180 -17.55 4.09 0.88
N HIS B 181 -16.68 3.40 0.17
CA HIS B 181 -15.58 4.10 -0.45
C HIS B 181 -16.13 5.32 -1.18
N ALA B 182 -15.47 6.45 -0.96
CA ALA B 182 -15.98 7.72 -1.46
C ALA B 182 -16.43 7.63 -2.91
N GLU B 183 -15.52 7.23 -3.81
CA GLU B 183 -15.84 7.33 -5.22
C GLU B 183 -17.10 6.55 -5.56
N ILE B 184 -17.41 5.48 -4.83
CA ILE B 184 -18.67 4.78 -5.10
C ILE B 184 -19.85 5.60 -4.62
N ILE B 185 -19.75 6.13 -3.40
CA ILE B 185 -20.81 6.96 -2.84
C ILE B 185 -21.08 8.15 -3.75
N SER B 186 -20.04 8.70 -4.38
CA SER B 186 -20.23 9.81 -5.31
C SER B 186 -21.15 9.43 -6.46
N ARG B 187 -21.06 8.18 -6.94
CA ARG B 187 -21.86 7.77 -8.09
C ARG B 187 -23.31 7.59 -7.69
N ARG B 188 -23.54 6.95 -6.54
CA ARG B 188 -24.89 6.85 -6.01
C ARG B 188 -25.52 8.24 -5.88
N SER B 189 -24.73 9.25 -5.49
CA SER B 189 -25.28 10.61 -5.46
C SER B 189 -25.56 11.12 -6.85
N LEU B 190 -24.68 10.82 -7.81
CA LEU B 190 -24.97 11.22 -9.18
C LEU B 190 -26.29 10.60 -9.65
N LEU B 191 -26.59 9.37 -9.23
CA LEU B 191 -27.90 8.79 -9.52
C LEU B 191 -29.01 9.69 -8.99
N ARG B 192 -29.00 9.95 -7.67
CA ARG B 192 -29.96 10.87 -7.05
C ARG B 192 -30.14 12.14 -7.87
N PHE B 193 -29.03 12.72 -8.33
CA PHE B 193 -29.09 13.87 -9.23
C PHE B 193 -29.92 13.56 -10.47
N LEU B 194 -29.67 12.40 -11.10
CA LEU B 194 -30.27 12.08 -12.40
C LEU B 194 -31.76 11.79 -12.28
N TYR B 195 -32.16 11.07 -11.21
CA TYR B 195 -33.58 10.99 -10.88
C TYR B 195 -34.17 12.40 -10.73
N THR B 196 -33.46 13.29 -10.04
CA THR B 196 -33.95 14.65 -9.85
C THR B 196 -34.16 15.35 -11.19
N GLN B 197 -33.20 15.21 -12.10
CA GLN B 197 -33.33 15.86 -13.40
C GLN B 197 -34.42 15.24 -14.24
N LEU B 198 -34.62 13.93 -14.10
CA LEU B 198 -35.75 13.30 -14.77
C LEU B 198 -37.06 13.88 -14.27
N GLU B 199 -37.25 13.88 -12.94
CA GLU B 199 -38.46 14.46 -12.34
C GLU B 199 -38.62 15.93 -12.71
N LEU B 200 -37.51 16.64 -12.94
CA LEU B 200 -37.60 18.01 -13.43
C LEU B 200 -38.30 18.08 -14.79
N TYR B 201 -37.84 17.26 -15.75
CA TYR B 201 -38.47 17.21 -17.08
C TYR B 201 -39.95 16.85 -17.00
N LEU B 202 -40.34 16.02 -16.03
CA LEU B 202 -41.64 15.35 -16.07
C LEU B 202 -42.74 16.06 -15.29
N ASN B 203 -42.48 17.22 -14.69
CA ASN B 203 -43.49 17.79 -13.81
C ASN B 203 -44.16 19.04 -14.36
N ASN B 204 -43.67 19.57 -15.48
CA ASN B 204 -44.44 20.43 -16.38
C ASN B 204 -43.57 20.82 -17.55
N LYS B 205 -44.22 21.37 -18.57
CA LYS B 205 -43.57 21.57 -19.86
C LYS B 205 -42.67 22.79 -19.88
N ASP B 206 -42.85 23.73 -18.95
CA ASP B 206 -41.85 24.78 -18.79
C ASP B 206 -40.62 24.28 -18.03
N ASP B 207 -40.81 23.31 -17.14
CA ASP B 207 -39.71 22.78 -16.35
C ASP B 207 -38.80 21.86 -17.14
N GLN B 208 -39.25 21.30 -18.25
CA GLN B 208 -38.37 20.50 -19.08
C GLN B 208 -37.38 21.36 -19.86
N LYS B 209 -37.63 22.67 -19.90
CA LYS B 209 -36.66 23.64 -20.38
C LYS B 209 -35.31 23.48 -19.69
N ARG B 210 -35.33 23.33 -18.37
CA ARG B 210 -34.14 23.41 -17.56
C ARG B 210 -33.54 22.06 -17.23
N SER B 211 -34.27 20.98 -17.43
CA SER B 211 -33.71 19.65 -17.25
C SER B 211 -32.53 19.43 -18.19
N ILE B 212 -31.58 18.60 -17.75
CA ILE B 212 -30.43 18.18 -18.57
C ILE B 212 -30.80 17.15 -19.62
N PHE B 213 -31.97 16.54 -19.50
CA PHE B 213 -32.41 15.51 -20.43
C PHE B 213 -33.25 16.12 -21.54
N GLN B 214 -33.34 15.38 -22.64
CA GLN B 214 -34.31 15.60 -23.69
C GLN B 214 -34.84 14.24 -24.08
N LYS B 215 -35.87 14.20 -24.93
CA LYS B 215 -36.32 12.93 -25.47
C LYS B 215 -35.43 12.54 -26.66
N SER B 216 -35.17 11.24 -26.77
CA SER B 216 -34.22 10.69 -27.72
C SER B 216 -34.92 10.16 -28.97
N GLU B 217 -34.15 10.09 -30.06
CA GLU B 217 -34.67 9.49 -31.30
C GLU B 217 -35.05 8.03 -31.09
N ARG B 218 -34.32 7.31 -30.25
CA ARG B 218 -34.39 5.85 -30.19
C ARG B 218 -35.31 5.35 -29.08
N GLY B 219 -35.91 6.25 -28.30
CA GLY B 219 -36.80 5.84 -27.22
C GLY B 219 -36.30 6.25 -25.84
N GLY B 220 -37.15 6.88 -25.02
CA GLY B 220 -36.73 7.38 -23.71
C GLY B 220 -36.02 8.73 -23.82
N PHE B 221 -35.11 8.97 -22.87
CA PHE B 221 -34.36 10.22 -22.83
C PHE B 221 -32.88 10.02 -23.11
N ARG B 222 -32.27 10.99 -23.76
CA ARG B 222 -30.82 11.13 -23.83
C ARG B 222 -30.43 12.41 -23.11
N LEU B 223 -29.15 12.72 -23.15
CA LEU B 223 -28.67 13.95 -22.50
C LEU B 223 -28.52 15.03 -23.55
N LYS B 224 -28.66 16.28 -23.12
CA LYS B 224 -28.56 17.40 -24.04
C LYS B 224 -27.13 17.54 -24.52
N GLU B 225 -26.98 17.84 -25.82
CA GLU B 225 -25.65 17.86 -26.43
C GLU B 225 -24.65 18.67 -25.61
N ASN B 226 -23.54 18.00 -25.25
CA ASN B 226 -22.37 18.62 -24.60
C ASN B 226 -22.58 18.89 -23.12
N VAL B 227 -23.40 18.08 -22.46
CA VAL B 227 -23.38 17.97 -21.00
C VAL B 227 -22.46 16.80 -20.64
N GLN B 228 -21.49 17.05 -19.77
CA GLN B 228 -20.53 16.03 -19.40
C GLN B 228 -20.42 15.95 -17.88
N PHE B 229 -20.09 14.76 -17.40
CA PHE B 229 -19.80 14.52 -15.99
C PHE B 229 -18.35 14.10 -15.83
N HIS B 230 -17.70 14.61 -14.80
CA HIS B 230 -16.29 14.33 -14.54
C HIS B 230 -16.13 13.82 -13.12
N LEU B 231 -15.40 12.71 -12.96
CA LEU B 231 -15.19 12.08 -11.67
C LEU B 231 -13.84 12.47 -11.08
N TYR B 232 -13.85 12.94 -9.83
CA TYR B 232 -12.64 13.24 -9.10
C TYR B 232 -12.52 12.39 -7.83
N ILE B 233 -11.31 11.92 -7.55
CA ILE B 233 -10.99 11.09 -6.39
C ILE B 233 -9.68 11.59 -5.81
N SER B 234 -9.63 11.82 -4.49
CA SER B 234 -8.42 12.36 -3.88
C SER B 234 -7.20 11.47 -4.12
N THR B 235 -7.40 10.18 -4.36
CA THR B 235 -6.31 9.23 -4.62
C THR B 235 -6.75 8.28 -5.73
N SER B 236 -5.83 7.44 -6.16
CA SER B 236 -6.17 6.46 -7.16
C SER B 236 -7.14 5.41 -6.58
N PRO B 237 -8.11 4.94 -7.36
CA PRO B 237 -9.07 3.95 -6.85
C PRO B 237 -8.38 2.69 -6.39
N CYS B 238 -8.93 2.06 -5.35
CA CYS B 238 -8.32 0.85 -4.82
C CYS B 238 -8.45 -0.27 -5.85
N GLY B 239 -7.61 -1.29 -5.68
CA GLY B 239 -7.51 -2.30 -6.70
C GLY B 239 -6.44 -1.97 -7.71
N ASP B 240 -6.72 -2.28 -8.98
CA ASP B 240 -5.67 -2.35 -9.99
C ASP B 240 -4.95 -1.02 -10.18
N ALA B 241 -5.69 0.09 -10.27
CA ALA B 241 -5.06 1.38 -10.56
C ALA B 241 -4.00 1.79 -9.53
N ARG B 242 -3.98 1.16 -8.35
CA ARG B 242 -3.06 1.53 -7.29
C ARG B 242 -1.96 0.51 -7.06
N ILE B 243 -1.90 -0.56 -7.84
CA ILE B 243 -0.92 -1.63 -7.62
C ILE B 243 0.34 -1.26 -8.39
N PHE B 244 1.15 -0.38 -7.81
CA PHE B 244 2.42 0.06 -8.39
C PHE B 244 3.19 0.84 -7.33
N SER B 245 4.48 1.07 -7.61
CA SER B 245 5.28 1.84 -6.66
C SER B 245 5.58 3.21 -7.23
N PRO B 246 5.11 4.29 -6.61
CA PRO B 246 5.12 5.59 -7.27
C PRO B 246 6.49 6.25 -7.33
N HIS B 247 7.51 5.61 -6.79
CA HIS B 247 8.87 6.13 -6.92
C HIS B 247 9.75 5.24 -7.79
N GLU B 248 9.14 4.45 -8.69
CA GLU B 248 9.72 3.85 -9.90
C GLU B 248 8.78 2.80 -10.47
N ALA B 263 1.32 -4.86 -13.63
CA ALA B 263 0.94 -5.14 -15.02
C ALA B 263 -0.31 -6.02 -15.13
N ARG B 264 -0.52 -6.92 -14.16
CA ARG B 264 -1.65 -7.84 -14.20
C ARG B 264 -2.93 -7.09 -13.89
N GLY B 265 -3.71 -6.71 -14.91
CA GLY B 265 -4.97 -6.03 -14.66
C GLY B 265 -6.05 -6.84 -13.94
N GLN B 266 -5.64 -7.74 -13.06
CA GLN B 266 -6.56 -8.69 -12.47
C GLN B 266 -7.57 -8.00 -11.57
N LEU B 267 -8.70 -8.66 -11.40
CA LEU B 267 -9.77 -8.20 -10.53
C LEU B 267 -9.41 -8.45 -9.08
N ARG B 268 -9.80 -7.51 -8.23
CA ARG B 268 -9.47 -7.55 -6.81
C ARG B 268 -10.74 -7.29 -6.04
N THR B 269 -10.76 -7.74 -4.79
CA THR B 269 -11.88 -7.47 -3.88
C THR B 269 -11.39 -6.69 -2.68
N LYS B 270 -12.25 -5.81 -2.15
CA LYS B 270 -11.99 -5.24 -0.84
C LYS B 270 -12.01 -6.33 0.23
N ILE B 271 -11.40 -6.02 1.36
CA ILE B 271 -11.32 -6.99 2.43
C ILE B 271 -11.67 -6.26 3.71
N GLU B 272 -12.95 -6.01 3.96
CA GLU B 272 -13.26 -5.24 5.17
C GLU B 272 -12.98 -6.09 6.40
N SER B 273 -12.22 -5.50 7.32
CA SER B 273 -11.24 -6.12 8.22
C SER B 273 -9.94 -5.40 7.93
N GLY B 274 -10.03 -4.31 7.16
CA GLY B 274 -8.86 -3.56 6.77
C GLY B 274 -9.11 -2.74 5.51
N GLN B 275 -8.01 -2.13 5.02
CA GLN B 275 -7.99 -1.30 3.82
C GLN B 275 -7.17 -1.95 2.72
N GLY B 276 -7.48 -1.60 1.49
CA GLY B 276 -6.83 -2.27 0.37
C GLY B 276 -7.58 -3.50 -0.12
N THR B 277 -6.91 -4.22 -1.02
CA THR B 277 -7.58 -5.31 -1.72
C THR B 277 -6.68 -6.53 -1.87
N ILE B 278 -7.34 -7.64 -2.15
CA ILE B 278 -6.78 -8.96 -2.42
C ILE B 278 -7.18 -9.32 -3.86
N PRO B 279 -6.29 -9.88 -4.65
CA PRO B 279 -6.73 -10.36 -5.97
C PRO B 279 -7.79 -11.45 -5.80
N VAL B 280 -8.74 -11.49 -6.74
CA VAL B 280 -9.75 -12.53 -6.70
C VAL B 280 -9.11 -13.88 -7.05
N ARG B 281 -9.72 -14.96 -6.54
CA ARG B 281 -9.19 -16.30 -6.78
C ARG B 281 -9.85 -16.93 -8.01
N SER B 282 -9.06 -17.69 -8.78
CA SER B 282 -9.49 -18.34 -10.03
C SER B 282 -10.97 -18.76 -10.11
N LEU B 299 -18.16 -10.46 -0.19
CA LEU B 299 -17.04 -9.73 -0.80
C LEU B 299 -17.50 -8.63 -1.74
N THR B 300 -16.70 -7.56 -1.85
CA THR B 300 -17.08 -6.36 -2.59
C THR B 300 -16.01 -6.05 -3.63
N MET B 301 -16.42 -5.66 -4.82
CA MET B 301 -15.42 -5.45 -5.87
C MET B 301 -14.64 -4.16 -5.62
N SER B 302 -13.41 -4.14 -6.14
CA SER B 302 -12.54 -2.99 -5.94
C SER B 302 -13.10 -1.79 -6.68
N CYS B 303 -12.79 -0.60 -6.16
CA CYS B 303 -13.21 0.62 -6.84
C CYS B 303 -12.70 0.64 -8.28
N SER B 304 -11.43 0.25 -8.49
CA SER B 304 -10.89 0.17 -9.85
C SER B 304 -11.81 -0.64 -10.75
N ASP B 305 -12.14 -1.85 -10.33
CA ASP B 305 -12.99 -2.71 -11.15
C ASP B 305 -14.36 -2.06 -11.38
N LYS B 306 -14.98 -1.54 -10.32
CA LYS B 306 -16.30 -0.93 -10.50
C LYS B 306 -16.27 0.24 -11.47
N ILE B 307 -15.15 0.95 -11.58
CA ILE B 307 -15.14 2.07 -12.51
C ILE B 307 -14.86 1.59 -13.92
N ALA B 308 -14.10 0.50 -14.08
CA ALA B 308 -14.01 -0.13 -15.40
C ALA B 308 -15.38 -0.57 -15.88
N ARG B 309 -16.10 -1.32 -15.03
CA ARG B 309 -17.51 -1.63 -15.26
C ARG B 309 -18.28 -0.43 -15.78
N TRP B 310 -18.35 0.65 -14.99
CA TRP B 310 -19.05 1.85 -15.44
C TRP B 310 -18.51 2.39 -16.76
N ASN B 311 -17.26 2.09 -17.10
CA ASN B 311 -16.71 2.48 -18.40
C ASN B 311 -17.22 1.62 -19.55
N VAL B 312 -18.12 0.67 -19.28
CA VAL B 312 -18.71 -0.20 -20.29
C VAL B 312 -20.23 -0.09 -20.21
N VAL B 313 -20.80 -0.44 -19.05
CA VAL B 313 -22.25 -0.36 -18.84
C VAL B 313 -22.73 1.04 -18.50
N GLY B 314 -21.83 1.99 -18.28
CA GLY B 314 -22.25 3.32 -17.94
C GLY B 314 -22.46 3.48 -16.44
N ILE B 315 -22.59 4.74 -16.02
CA ILE B 315 -22.61 5.06 -14.60
C ILE B 315 -24.01 5.02 -14.02
N GLN B 316 -25.03 4.82 -14.83
CA GLN B 316 -26.40 5.06 -14.42
C GLN B 316 -27.08 3.81 -13.87
N GLY B 317 -26.40 2.67 -13.84
CA GLY B 317 -27.01 1.47 -13.30
C GLY B 317 -28.07 0.90 -14.25
N SER B 318 -28.66 -0.20 -13.81
CA SER B 318 -29.68 -0.85 -14.62
C SER B 318 -31.00 -0.05 -14.63
N LEU B 319 -31.56 0.20 -13.44
CA LEU B 319 -32.89 0.79 -13.34
C LEU B 319 -33.02 2.11 -14.08
N LEU B 320 -32.00 2.97 -14.01
CA LEU B 320 -32.11 4.22 -14.77
C LEU B 320 -31.99 3.99 -16.27
N SER B 321 -31.32 2.91 -16.70
CA SER B 321 -31.14 2.69 -18.13
C SER B 321 -32.48 2.53 -18.83
N ILE B 322 -33.44 1.89 -18.15
CA ILE B 322 -34.82 1.77 -18.65
C ILE B 322 -35.37 3.12 -19.15
N PHE B 323 -34.91 4.24 -18.58
CA PHE B 323 -35.37 5.54 -19.05
C PHE B 323 -34.35 6.31 -19.88
N VAL B 324 -33.05 6.08 -19.70
CA VAL B 324 -32.08 6.95 -20.34
C VAL B 324 -30.99 6.15 -21.05
N GLU B 325 -30.46 6.75 -22.12
CA GLU B 325 -29.37 6.12 -22.84
C GLU B 325 -28.11 6.11 -21.98
N PRO B 326 -27.18 5.21 -22.27
CA PRO B 326 -25.99 5.08 -21.42
C PRO B 326 -25.27 6.40 -21.20
N ILE B 327 -24.75 6.58 -19.98
CA ILE B 327 -24.06 7.80 -19.56
C ILE B 327 -22.67 7.42 -19.11
N TYR B 328 -21.68 8.12 -19.62
CA TYR B 328 -20.30 7.81 -19.33
C TYR B 328 -19.60 9.06 -18.81
N PHE B 329 -18.63 8.82 -17.94
CA PHE B 329 -17.73 9.87 -17.49
C PHE B 329 -16.83 10.33 -18.62
N SER B 330 -16.57 11.63 -18.68
CA SER B 330 -15.66 12.17 -19.66
C SER B 330 -14.25 12.30 -19.14
N SER B 331 -14.08 12.34 -17.82
CA SER B 331 -12.79 12.55 -17.16
C SER B 331 -12.75 11.76 -15.86
N ILE B 332 -11.57 11.27 -15.53
CA ILE B 332 -11.30 10.70 -14.21
C ILE B 332 -10.04 11.38 -13.71
N ILE B 333 -10.19 12.28 -12.76
CA ILE B 333 -9.13 13.17 -12.29
C ILE B 333 -8.74 12.76 -10.88
N LEU B 334 -7.45 12.50 -10.68
CA LEU B 334 -6.92 11.98 -9.42
C LEU B 334 -6.11 13.05 -8.68
N GLY B 335 -6.47 13.30 -7.43
CA GLY B 335 -5.72 14.24 -6.64
C GLY B 335 -4.41 13.72 -6.10
N SER B 336 -4.07 12.47 -6.36
CA SER B 336 -2.80 11.89 -5.93
C SER B 336 -2.65 10.49 -6.49
N LEU B 337 -1.42 9.99 -6.53
CA LEU B 337 -1.14 8.64 -7.01
C LEU B 337 -1.58 8.46 -8.46
N TYR B 338 -1.47 9.53 -9.25
CA TYR B 338 -1.72 9.41 -10.68
C TYR B 338 -0.55 8.73 -11.37
N HIS B 339 -0.85 7.75 -12.21
CA HIS B 339 0.15 7.11 -13.06
C HIS B 339 -0.53 6.67 -14.36
N GLY B 340 -0.17 7.34 -15.46
CA GLY B 340 -0.92 7.21 -16.69
C GLY B 340 -1.11 5.78 -17.16
N ASP B 341 -0.04 4.97 -17.12
CA ASP B 341 -0.15 3.59 -17.60
C ASP B 341 -0.98 2.74 -16.66
N HIS B 342 -0.74 2.87 -15.36
CA HIS B 342 -1.48 2.06 -14.40
C HIS B 342 -2.94 2.47 -14.35
N LEU B 343 -3.23 3.77 -14.36
CA LEU B 343 -4.63 4.18 -14.38
C LEU B 343 -5.31 3.69 -15.65
N SER B 344 -4.67 3.94 -16.81
CA SER B 344 -5.30 3.59 -18.08
C SER B 344 -5.62 2.10 -18.15
N ARG B 345 -4.65 1.26 -17.80
CA ARG B 345 -4.88 -0.19 -17.80
C ARG B 345 -6.09 -0.55 -16.95
N ALA B 346 -6.06 -0.17 -15.67
CA ALA B 346 -7.17 -0.42 -14.76
C ALA B 346 -8.49 0.10 -15.31
N MET B 347 -8.48 1.28 -15.93
CA MET B 347 -9.73 1.95 -16.27
C MET B 347 -10.35 1.45 -17.57
N TYR B 348 -9.55 1.00 -18.56
CA TYR B 348 -10.13 0.37 -19.76
C TYR B 348 -9.22 -0.60 -20.50
N GLN B 349 -7.94 -0.27 -20.67
CA GLN B 349 -7.06 -1.07 -21.50
C GLN B 349 -7.12 -2.55 -21.16
N ARG B 350 -7.16 -2.88 -19.87
CA ARG B 350 -7.10 -4.29 -19.48
C ARG B 350 -8.22 -5.11 -20.11
N ILE B 351 -9.33 -4.48 -20.50
CA ILE B 351 -10.42 -5.20 -21.18
C ILE B 351 -10.69 -4.61 -22.57
N SER B 352 -9.64 -4.33 -23.34
CA SER B 352 -9.87 -3.90 -24.71
C SER B 352 -10.38 -5.04 -25.60
N ASN B 353 -10.26 -6.29 -25.14
CA ASN B 353 -10.80 -7.45 -25.83
C ASN B 353 -12.31 -7.63 -25.63
N ILE B 354 -13.00 -6.65 -25.09
CA ILE B 354 -14.46 -6.74 -24.99
C ILE B 354 -15.03 -6.60 -26.40
N GLU B 355 -16.12 -7.32 -26.68
CA GLU B 355 -16.77 -7.08 -27.96
C GLU B 355 -18.22 -7.54 -27.92
N ASP B 356 -18.98 -7.05 -28.92
CA ASP B 356 -20.38 -7.36 -29.14
C ASP B 356 -21.25 -6.83 -28.01
N LEU B 357 -21.20 -5.51 -27.85
CA LEU B 357 -21.94 -4.63 -26.98
C LEU B 357 -23.23 -4.20 -27.66
N PRO B 358 -24.31 -4.13 -26.88
CA PRO B 358 -25.58 -3.62 -27.41
C PRO B 358 -25.40 -2.26 -28.06
N PRO B 359 -26.40 -1.79 -28.83
CA PRO B 359 -26.17 -0.64 -29.72
C PRO B 359 -25.51 0.57 -29.07
N LEU B 360 -26.07 1.09 -27.99
CA LEU B 360 -25.61 2.38 -27.47
C LEU B 360 -24.39 2.25 -26.57
N TYR B 361 -24.10 1.05 -26.07
CA TYR B 361 -23.00 0.81 -25.15
C TYR B 361 -21.66 0.82 -25.89
N THR B 362 -20.58 1.01 -25.14
CA THR B 362 -19.24 1.10 -25.72
C THR B 362 -18.20 0.92 -24.63
N LEU B 363 -16.93 1.01 -25.02
CA LEU B 363 -15.81 0.98 -24.09
C LEU B 363 -15.34 2.41 -23.93
N ASN B 364 -15.95 3.13 -22.98
CA ASN B 364 -15.59 4.53 -22.77
C ASN B 364 -14.12 4.63 -22.40
N LYS B 365 -13.38 5.49 -23.11
CA LYS B 365 -11.97 5.76 -22.85
C LYS B 365 -11.89 7.22 -22.48
N PRO B 366 -12.01 7.57 -21.20
CA PRO B 366 -12.16 8.97 -20.81
C PRO B 366 -10.82 9.67 -20.62
N LEU B 367 -10.90 10.92 -20.19
CA LEU B 367 -9.71 11.67 -19.85
C LEU B 367 -9.14 11.15 -18.54
N LEU B 368 -7.84 10.90 -18.51
CA LEU B 368 -7.11 10.54 -17.30
C LEU B 368 -6.13 11.66 -17.01
N SER B 369 -6.10 12.12 -15.77
CA SER B 369 -5.26 13.25 -15.43
C SER B 369 -5.04 13.32 -13.92
N GLY B 370 -3.82 13.62 -13.53
CA GLY B 370 -3.53 14.05 -12.18
C GLY B 370 -3.86 15.52 -12.02
N ILE B 371 -3.35 16.10 -10.93
CA ILE B 371 -3.54 17.51 -10.65
C ILE B 371 -2.19 18.17 -10.35
N SER B 372 -2.16 19.50 -10.45
CA SER B 372 -0.92 20.21 -10.19
C SER B 372 -0.49 20.08 -8.74
N ASN B 373 -1.40 20.39 -7.82
CA ASN B 373 -1.08 20.47 -6.40
C ASN B 373 -1.52 19.19 -5.68
N ALA B 374 -0.83 18.10 -6.01
CA ALA B 374 -1.16 16.77 -5.50
C ALA B 374 -1.28 16.74 -3.97
N GLU B 375 -2.20 15.91 -3.48
CA GLU B 375 -2.32 15.64 -2.05
C GLU B 375 -1.17 14.73 -1.57
N ALA B 376 -0.89 14.79 -0.26
CA ALA B 376 0.15 13.99 0.35
C ALA B 376 -0.42 12.84 1.17
N ARG B 377 0.26 11.70 1.13
CA ARG B 377 -0.10 10.55 1.95
C ARG B 377 -0.05 10.87 3.44
N GLN B 378 -1.12 10.56 4.16
CA GLN B 378 -1.22 10.77 5.61
C GLN B 378 -1.40 9.42 6.28
N PRO B 379 -0.33 8.79 6.75
CA PRO B 379 -0.48 7.48 7.41
C PRO B 379 -1.28 7.59 8.69
N GLY B 380 -2.19 6.65 8.86
CA GLY B 380 -2.98 6.59 10.07
C GLY B 380 -4.31 5.91 9.84
N LYS B 381 -5.03 5.69 10.94
CA LYS B 381 -6.32 5.02 10.89
C LYS B 381 -7.26 5.70 9.91
N ALA B 382 -8.04 4.92 9.24
CA ALA B 382 -9.09 5.45 8.39
C ALA B 382 -10.37 5.73 9.19
N PRO B 383 -11.11 6.78 8.88
CA PRO B 383 -12.34 7.04 9.62
C PRO B 383 -13.35 5.93 9.37
N ASN B 384 -14.30 5.80 10.28
CA ASN B 384 -15.41 4.87 10.10
C ASN B 384 -16.59 5.52 9.42
N PHE B 385 -16.46 6.75 8.95
CA PHE B 385 -17.61 7.48 8.50
C PHE B 385 -17.44 7.91 7.06
N SER B 386 -18.58 8.05 6.38
CA SER B 386 -18.66 8.40 4.98
C SER B 386 -19.64 9.55 4.84
N VAL B 387 -19.25 10.59 4.11
CA VAL B 387 -20.04 11.79 3.94
C VAL B 387 -20.56 11.81 2.52
N ASN B 388 -21.81 12.21 2.31
CA ASN B 388 -22.33 12.36 0.94
C ASN B 388 -23.24 13.58 0.84
N TRP B 389 -23.26 14.18 -0.35
CA TRP B 389 -24.05 15.37 -0.61
C TRP B 389 -24.33 15.43 -2.11
N THR B 390 -25.57 15.80 -2.45
CA THR B 390 -26.00 15.95 -3.84
C THR B 390 -26.54 17.35 -4.00
N VAL B 391 -26.16 18.02 -5.10
CA VAL B 391 -26.62 19.37 -5.33
C VAL B 391 -28.14 19.39 -5.25
N GLY B 392 -28.67 20.32 -4.47
CA GLY B 392 -30.07 20.38 -4.10
C GLY B 392 -30.28 20.05 -2.63
N ASP B 393 -29.37 19.31 -2.03
CA ASP B 393 -29.51 18.94 -0.63
C ASP B 393 -29.11 20.08 0.28
N SER B 394 -29.71 20.09 1.48
CA SER B 394 -29.46 21.14 2.46
C SER B 394 -28.14 20.94 3.17
N ALA B 395 -27.87 19.71 3.62
CA ALA B 395 -26.66 19.41 4.37
C ALA B 395 -26.09 18.06 3.93
N ILE B 396 -24.89 17.74 4.42
CA ILE B 396 -24.35 16.42 4.19
C ILE B 396 -25.18 15.38 4.94
N GLU B 397 -25.11 14.14 4.46
CA GLU B 397 -25.56 12.97 5.20
C GLU B 397 -24.34 12.16 5.62
N VAL B 398 -24.37 11.65 6.85
CA VAL B 398 -23.23 10.97 7.46
C VAL B 398 -23.59 9.50 7.66
N ILE B 399 -22.78 8.59 7.11
CA ILE B 399 -23.01 7.15 7.21
C ILE B 399 -21.90 6.48 8.01
N ASN B 400 -22.28 5.54 8.87
CA ASN B 400 -21.31 4.58 9.36
C ASN B 400 -21.07 3.57 8.25
N ALA B 401 -19.84 3.48 7.78
CA ALA B 401 -19.56 2.57 6.68
C ALA B 401 -19.55 1.12 7.12
N THR B 402 -19.39 0.86 8.42
CA THR B 402 -19.46 -0.52 8.91
C THR B 402 -20.89 -1.00 9.15
N THR B 403 -21.88 -0.11 9.16
CA THR B 403 -23.28 -0.50 9.34
C THR B 403 -24.15 -0.23 8.12
N GLY B 404 -23.71 0.64 7.23
CA GLY B 404 -24.47 0.95 6.02
C GLY B 404 -25.66 1.82 6.35
N LYS B 405 -25.69 2.31 7.57
CA LYS B 405 -26.76 3.17 8.03
C LYS B 405 -26.12 4.42 8.64
N ASP B 406 -26.95 5.42 8.93
CA ASP B 406 -26.44 6.70 9.41
C ASP B 406 -26.27 6.69 10.94
N GLU B 407 -25.83 7.84 11.47
CA GLU B 407 -25.31 7.91 12.84
C GLU B 407 -26.30 7.43 13.88
N LEU B 408 -27.60 7.49 13.59
CA LEU B 408 -28.64 7.00 14.49
C LEU B 408 -29.36 5.76 13.95
N GLY B 409 -28.78 5.06 13.00
CA GLY B 409 -29.30 3.77 12.59
C GLY B 409 -30.39 3.79 11.53
N ARG B 410 -30.53 4.87 10.77
CA ARG B 410 -31.52 4.99 9.71
C ARG B 410 -30.90 4.69 8.34
N ALA B 411 -31.78 4.58 7.32
CA ALA B 411 -31.33 4.22 5.98
C ALA B 411 -30.88 5.47 5.22
N SER B 412 -29.83 5.29 4.42
CA SER B 412 -29.27 6.42 3.69
C SER B 412 -30.19 6.80 2.55
N ARG B 413 -30.15 8.07 2.16
CA ARG B 413 -30.79 8.45 0.91
C ARG B 413 -30.14 7.75 -0.28
N LEU B 414 -29.01 7.08 -0.07
CA LEU B 414 -28.30 6.41 -1.14
C LEU B 414 -28.54 4.90 -1.18
N CYS B 415 -29.12 4.30 -0.14
CA CYS B 415 -29.25 2.85 -0.12
C CYS B 415 -30.20 2.36 -1.22
N LYS B 416 -30.19 1.04 -1.44
CA LYS B 416 -30.96 0.43 -2.54
C LYS B 416 -32.44 0.81 -2.48
N HIS B 417 -33.06 0.68 -1.29
CA HIS B 417 -34.49 0.92 -1.14
C HIS B 417 -34.85 2.36 -1.51
N ALA B 418 -34.04 3.31 -1.07
CA ALA B 418 -34.33 4.70 -1.37
C ALA B 418 -34.36 4.93 -2.87
N LEU B 419 -33.32 4.47 -3.57
CA LEU B 419 -33.20 4.75 -5.01
C LEU B 419 -34.36 4.14 -5.79
N TYR B 420 -34.73 2.90 -5.45
CA TYR B 420 -35.91 2.29 -6.06
C TYR B 420 -37.15 3.16 -5.86
N CYS B 421 -37.29 3.74 -4.66
CA CYS B 421 -38.47 4.56 -4.38
C CYS B 421 -38.56 5.74 -5.34
N ARG B 422 -37.45 6.38 -5.66
CA ARG B 422 -37.53 7.44 -6.66
C ARG B 422 -37.74 6.85 -8.04
N TRP B 423 -37.10 5.70 -8.31
CA TRP B 423 -37.31 5.01 -9.57
C TRP B 423 -38.78 4.66 -9.75
N MET B 424 -39.40 4.13 -8.70
CA MET B 424 -40.82 3.80 -8.79
C MET B 424 -41.66 5.04 -9.06
N ARG B 425 -41.32 6.16 -8.41
CA ARG B 425 -42.13 7.36 -8.54
C ARG B 425 -42.01 7.97 -9.94
N VAL B 426 -40.84 7.88 -10.55
CA VAL B 426 -40.72 8.36 -11.93
C VAL B 426 -41.34 7.35 -12.89
N HIS B 427 -41.39 6.07 -12.53
CA HIS B 427 -42.00 5.09 -13.42
C HIS B 427 -43.49 5.34 -13.58
N GLY B 428 -44.18 5.55 -12.45
CA GLY B 428 -45.60 5.83 -12.42
C GLY B 428 -45.94 7.23 -12.85
N LYS B 429 -44.97 7.88 -13.49
CA LYS B 429 -45.12 9.21 -14.04
C LYS B 429 -44.95 9.28 -15.55
N VAL B 430 -44.10 8.43 -16.12
CA VAL B 430 -43.78 8.48 -17.55
C VAL B 430 -44.66 7.49 -18.29
N PRO B 431 -45.18 7.87 -19.48
CA PRO B 431 -45.97 6.92 -20.27
C PRO B 431 -45.23 5.62 -20.53
N SER B 432 -45.99 4.52 -20.57
CA SER B 432 -45.36 3.22 -20.80
C SER B 432 -44.83 3.04 -22.23
N HIS B 433 -45.14 3.96 -23.16
CA HIS B 433 -44.59 3.89 -24.49
C HIS B 433 -43.26 4.66 -24.62
N LEU B 434 -42.98 5.56 -23.68
CA LEU B 434 -41.72 6.29 -23.61
C LEU B 434 -40.58 5.48 -22.95
N LEU B 435 -40.88 4.32 -22.36
CA LEU B 435 -39.86 3.53 -21.68
C LEU B 435 -38.91 2.89 -22.68
N ARG B 436 -37.61 2.83 -22.32
CA ARG B 436 -36.64 2.17 -23.18
C ARG B 436 -36.78 0.67 -23.12
N SER B 437 -37.27 0.15 -22.00
CA SER B 437 -37.48 -1.28 -21.79
C SER B 437 -38.84 -1.43 -21.15
N LYS B 438 -39.74 -2.13 -21.82
CA LYS B 438 -41.08 -2.30 -21.27
C LYS B 438 -41.01 -3.15 -20.00
N ILE B 439 -41.49 -2.59 -18.90
CA ILE B 439 -41.47 -3.25 -17.59
C ILE B 439 -42.86 -3.08 -17.00
N THR B 440 -43.71 -4.08 -17.18
CA THR B 440 -45.04 -4.03 -16.61
C THR B 440 -44.99 -4.31 -15.11
N LYS B 441 -45.98 -3.75 -14.38
CA LYS B 441 -46.25 -3.94 -12.95
C LYS B 441 -44.98 -4.14 -12.13
N PRO B 442 -44.12 -3.12 -12.04
CA PRO B 442 -42.86 -3.29 -11.31
C PRO B 442 -43.14 -3.54 -9.83
N ASN B 443 -42.62 -4.65 -9.32
CA ASN B 443 -42.78 -4.93 -7.90
C ASN B 443 -41.45 -5.19 -7.22
N VAL B 444 -40.84 -6.33 -7.53
CA VAL B 444 -39.63 -6.76 -6.84
C VAL B 444 -38.41 -6.10 -7.48
N TYR B 445 -37.50 -5.64 -6.62
CA TYR B 445 -36.31 -4.90 -7.04
C TYR B 445 -35.52 -5.65 -8.10
N HIS B 446 -35.22 -6.93 -7.86
CA HIS B 446 -34.34 -7.63 -8.78
C HIS B 446 -34.94 -7.77 -10.18
N GLU B 447 -36.26 -8.00 -10.28
CA GLU B 447 -36.84 -8.23 -11.61
C GLU B 447 -36.89 -6.95 -12.43
N SER B 448 -37.21 -5.82 -11.79
CA SER B 448 -37.23 -4.55 -12.49
C SER B 448 -35.85 -4.20 -13.02
N LYS B 449 -34.80 -4.62 -12.31
CA LYS B 449 -33.45 -4.51 -12.83
C LYS B 449 -33.25 -5.37 -14.08
N LEU B 450 -33.78 -6.60 -14.06
CA LEU B 450 -33.62 -7.51 -15.18
C LEU B 450 -34.36 -7.00 -16.41
N ALA B 451 -35.43 -6.23 -16.21
CA ALA B 451 -36.10 -5.60 -17.34
C ALA B 451 -35.15 -4.77 -18.19
N ALA B 452 -34.01 -4.33 -17.63
CA ALA B 452 -33.03 -3.52 -18.35
C ALA B 452 -32.16 -4.45 -19.20
N LYS B 453 -32.81 -5.04 -20.21
CA LYS B 453 -32.23 -6.21 -20.87
C LYS B 453 -31.00 -5.85 -21.70
N GLU B 454 -31.02 -4.71 -22.38
CA GLU B 454 -29.80 -4.29 -23.07
C GLU B 454 -28.64 -4.08 -22.09
N TYR B 455 -28.93 -3.60 -20.87
CA TYR B 455 -27.87 -3.37 -19.90
C TYR B 455 -27.28 -4.68 -19.40
N GLN B 456 -28.14 -5.61 -18.98
CA GLN B 456 -27.67 -6.92 -18.53
C GLN B 456 -26.83 -7.63 -19.59
N ALA B 457 -27.03 -7.30 -20.87
CA ALA B 457 -26.15 -7.79 -21.91
C ALA B 457 -24.75 -7.24 -21.72
N ALA B 458 -24.62 -5.90 -21.72
CA ALA B 458 -23.35 -5.22 -21.46
C ALA B 458 -22.67 -5.74 -20.19
N LYS B 459 -23.45 -6.00 -19.14
CA LYS B 459 -22.89 -6.59 -17.94
C LYS B 459 -22.21 -7.91 -18.26
N ALA B 460 -22.91 -8.81 -18.96
CA ALA B 460 -22.37 -10.15 -19.23
C ALA B 460 -21.23 -10.10 -20.25
N ARG B 461 -21.27 -9.16 -21.21
CA ARG B 461 -20.13 -8.99 -22.10
C ARG B 461 -18.90 -8.58 -21.32
N LEU B 462 -19.09 -7.65 -20.37
CA LEU B 462 -18.02 -7.25 -19.46
C LEU B 462 -17.49 -8.44 -18.67
N PHE B 463 -18.39 -9.21 -18.04
CA PHE B 463 -17.96 -10.32 -17.20
C PHE B 463 -17.16 -11.36 -17.98
N THR B 464 -17.52 -11.59 -19.26
CA THR B 464 -16.71 -12.50 -20.06
C THR B 464 -15.41 -11.85 -20.48
N ALA B 465 -15.44 -10.56 -20.82
CA ALA B 465 -14.22 -9.89 -21.27
C ALA B 465 -13.12 -9.96 -20.20
N PHE B 466 -13.51 -9.94 -18.92
CA PHE B 466 -12.54 -10.12 -17.84
C PHE B 466 -12.01 -11.54 -17.81
N ILE B 467 -12.93 -12.53 -17.77
CA ILE B 467 -12.52 -13.93 -17.79
C ILE B 467 -11.64 -14.23 -19.00
N LYS B 468 -12.03 -13.74 -20.18
CA LYS B 468 -11.28 -14.03 -21.40
C LYS B 468 -9.86 -13.46 -21.36
N ALA B 469 -9.65 -12.37 -20.62
CA ALA B 469 -8.32 -11.78 -20.52
C ALA B 469 -7.53 -12.33 -19.34
N GLY B 470 -8.05 -13.37 -18.67
CA GLY B 470 -7.35 -14.00 -17.58
C GLY B 470 -7.37 -13.22 -16.28
N LEU B 471 -8.33 -12.30 -16.14
CA LEU B 471 -8.34 -11.35 -15.04
C LEU B 471 -9.38 -11.70 -13.99
N GLY B 472 -9.79 -12.95 -13.93
CA GLY B 472 -10.70 -13.39 -12.88
C GLY B 472 -12.14 -13.18 -13.25
N ALA B 473 -13.01 -13.78 -12.45
CA ALA B 473 -14.47 -13.75 -12.66
C ALA B 473 -15.13 -12.86 -11.61
N TRP B 474 -15.92 -11.89 -12.08
CA TRP B 474 -16.53 -10.90 -11.22
C TRP B 474 -17.36 -11.56 -10.13
N VAL B 475 -17.28 -11.02 -8.93
CA VAL B 475 -18.01 -11.57 -7.79
C VAL B 475 -19.27 -10.73 -7.61
N GLU B 476 -20.44 -11.36 -7.78
CA GLU B 476 -21.69 -10.71 -7.44
C GLU B 476 -22.13 -11.15 -6.06
N LYS B 477 -22.99 -10.35 -5.44
CA LYS B 477 -23.50 -10.69 -4.13
C LYS B 477 -24.73 -11.60 -4.27
N PRO B 478 -25.04 -12.38 -3.24
CA PRO B 478 -26.20 -13.27 -3.32
C PRO B 478 -27.46 -12.52 -3.71
N THR B 479 -28.10 -13.00 -4.79
CA THR B 479 -29.24 -12.32 -5.42
C THR B 479 -30.42 -12.14 -4.47
N GLU B 480 -30.43 -12.80 -3.32
CA GLU B 480 -31.55 -12.65 -2.39
C GLU B 480 -31.59 -11.28 -1.73
N GLN B 481 -30.47 -10.53 -1.77
CA GLN B 481 -30.39 -9.19 -1.18
C GLN B 481 -31.22 -8.17 -1.95
N ASP B 482 -31.36 -8.34 -3.27
CA ASP B 482 -32.24 -7.52 -4.08
C ASP B 482 -33.63 -8.14 -4.26
N GLN B 483 -34.05 -9.03 -3.34
CA GLN B 483 -35.37 -9.64 -3.34
C GLN B 483 -36.20 -8.99 -2.22
N PHE B 484 -36.75 -7.83 -2.55
CA PHE B 484 -37.61 -7.08 -1.64
C PHE B 484 -38.48 -6.17 -2.51
N SER B 485 -39.55 -5.66 -1.92
CA SER B 485 -40.38 -4.66 -2.57
C SER B 485 -40.53 -3.47 -1.66
N LEU B 486 -41.24 -2.47 -2.15
CA LEU B 486 -41.56 -1.31 -1.32
C LEU B 486 -42.65 -1.59 -0.30
N THR B 487 -43.19 -2.81 -0.27
CA THR B 487 -44.22 -3.18 0.71
C THR B 487 -43.65 -3.23 2.13
#